data_3AR2
#
_entry.id   3AR2
#
_cell.length_a   161.995
_cell.length_b   75.306
_cell.length_c   151.541
_cell.angle_alpha   90.00
_cell.angle_beta   108.97
_cell.angle_gamma   90.00
#
_symmetry.space_group_name_H-M   'C 1 2 1'
#
loop_
_entity.id
_entity.type
_entity.pdbx_description
1 polymer 'Sarcoplasmic/endoplasmic reticulum calcium ATPase 1'
2 non-polymer 'CALCIUM ION'
3 non-polymer 'PHOSPHOMETHYLPHOSPHONIC ACID ADENYLATE ESTER'
4 non-polymer 'SODIUM ION'
5 non-polymer 1,2-DIACYL-SN-GLYCERO-3-PHOSPHOCHOLINE
6 water water
#
_entity_poly.entity_id   1
_entity_poly.type   'polypeptide(L)'
_entity_poly.pdbx_seq_one_letter_code
;(ACE)MEAAHSKSTEECLAYFGVSETTGLTPDQVKRHLEKYGHNELPAEEGKSLWELVIEQFEDLLVRILLLAACISFVL
AWFEEGEETITAFVEPFVILLILIANAIVGVWQERNAENAIEALKEYEPEMGKVYRADRKSVQRIKARDIVPGDIVEVAV
GDKVPADIRILSIKSTTLRVDQSILTGESVSVIKHTEPVPDPRAVNQDKKNMLFSGTNIAAGKALGIVATTGVSTEIGKI
RDQMAATEQDKTPLQQKLDEFGEQLSKVISLICVAVWLINIGHFNDPVHGGSWIRGAIYYFKIAVALAVAAIPEGLPAVI
TTCLALGTRRMAKKNAIVRSLPSVETLGCTSVICSDKTGTLTTNQMSVCKMFIIDKVDGDFCSLNEFSITGSTYAPEGEV
LKNDKPIRSGQFDGLVELATICALCNDSSLDFNETKGVYEKVGEATETALTTLVEKMNVFNTEVRNLSKVERANACNSVI
RQLMKKEFTLEFSRDRKSMSVYCSPAKSSRAAVGNKMFVKGAPEGVIDRCNYVRVGTTRVPMTGPVKEKILSVIKEWGTG
RDTLRCLALATRDTPPKREEMVLDDSSRFMEYETDLTFVGVVGMLDPPRKEVMGSIQLCRDAGIRVIMITGDNKGTAIAI
CRRIGIFGENEEVADRAYTGREFDDLPLAEQREACRRACCFARVEPSHKSKIVEYLQSYDEITAMTGDGVNDAPALKKAE
IGIAMGSGTAVAKTASEMVLADDNFSTIVAAVEEGRAIYNNMKQFIRYLISSNVGEVVCIFLTAALGLPEALIPVQLLWV
NLVTDGLPATALGFNPPDLDIMDRPPRSPKEPLISGWLFFRYMAIGGYVGAATVGAAAWWFMYAEDGPGVTYHQLTHFMQ
CTEDHPHFEGLDCEIFEAPEPMTMALSVLVTIEMCNALNSLSENQSLMRMPPWVNIWLLGSICLSMSLHFLILYVDPLPM
IFKLKALDLTQWLMVLKISLPVIGLDEILKFIARNYLEG
;
_entity_poly.pdbx_strand_id   A
#
loop_
_chem_comp.id
_chem_comp.type
_chem_comp.name
_chem_comp.formula
ACE non-polymer 'ACETYL GROUP' 'C2 H4 O'
ACP non-polymer 'PHOSPHOMETHYLPHOSPHONIC ACID ADENYLATE ESTER' 'C11 H18 N5 O12 P3'
CA non-polymer 'CALCIUM ION' 'Ca 2'
NA non-polymer 'SODIUM ION' 'Na 1'
PC1 non-polymer 1,2-DIACYL-SN-GLYCERO-3-PHOSPHOCHOLINE 'C44 H88 N O8 P'
#
# COMPACT_ATOMS: atom_id res chain seq x y z
C ACE A 1 -13.89 -20.78 28.92
O ACE A 1 -14.29 -21.31 29.96
CH3 ACE A 1 -13.18 -19.46 28.90
N MET A 2 -13.96 -21.36 27.72
CA MET A 2 -14.53 -22.66 27.46
C MET A 2 -13.49 -23.55 26.79
N GLU A 3 -13.12 -24.62 27.46
CA GLU A 3 -12.09 -25.52 26.97
C GLU A 3 -12.71 -26.67 26.18
N ALA A 4 -12.17 -26.92 24.99
CA ALA A 4 -12.64 -27.97 24.09
C ALA A 4 -14.14 -27.86 23.81
N ALA A 5 -14.55 -26.72 23.29
CA ALA A 5 -15.95 -26.47 22.95
C ALA A 5 -16.36 -27.21 21.68
N HIS A 6 -15.37 -27.63 20.91
CA HIS A 6 -15.61 -28.38 19.69
C HIS A 6 -16.08 -29.81 19.99
N SER A 7 -15.90 -30.22 21.25
CA SER A 7 -16.26 -31.56 21.72
C SER A 7 -17.70 -31.65 22.18
N LYS A 8 -18.18 -30.58 22.81
CA LYS A 8 -19.54 -30.54 23.34
C LYS A 8 -20.52 -29.94 22.34
N SER A 9 -21.79 -30.28 22.49
CA SER A 9 -22.82 -29.82 21.56
C SER A 9 -23.13 -28.35 21.75
N THR A 10 -24.08 -27.86 20.98
CA THR A 10 -24.51 -26.48 21.06
C THR A 10 -25.13 -26.19 22.44
N GLU A 11 -25.98 -27.12 22.88
CA GLU A 11 -26.71 -26.99 24.13
C GLU A 11 -25.77 -26.99 25.33
N GLU A 12 -24.74 -27.83 25.28
CA GLU A 12 -23.75 -27.92 26.36
C GLU A 12 -23.01 -26.60 26.55
N CYS A 13 -22.69 -25.94 25.44
CA CYS A 13 -21.96 -24.68 25.45
C CYS A 13 -22.83 -23.50 25.88
N LEU A 14 -24.06 -23.47 25.37
CA LEU A 14 -25.03 -22.46 25.74
C LEU A 14 -25.31 -22.48 27.25
N ALA A 15 -25.63 -23.66 27.75
CA ALA A 15 -25.94 -23.85 29.16
C ALA A 15 -24.72 -23.58 30.03
N TYR A 16 -23.56 -24.08 29.58
CA TYR A 16 -22.30 -23.90 30.27
C TYR A 16 -22.07 -22.44 30.69
N PHE A 17 -22.50 -21.51 29.85
CA PHE A 17 -22.34 -20.10 30.18
C PHE A 17 -23.63 -19.49 30.72
N GLY A 18 -24.73 -20.21 30.56
CA GLY A 18 -26.01 -19.75 31.05
C GLY A 18 -26.51 -18.61 30.19
N VAL A 19 -26.66 -18.89 28.89
CA VAL A 19 -27.15 -17.90 27.92
C VAL A 19 -28.25 -18.50 27.07
N SER A 20 -29.23 -17.68 26.72
CA SER A 20 -30.28 -18.08 25.80
C SER A 20 -29.79 -17.80 24.39
N GLU A 21 -29.85 -18.81 23.52
CA GLU A 21 -29.29 -18.75 22.17
C GLU A 21 -29.58 -17.47 21.36
N THR A 22 -30.81 -16.98 21.39
CA THR A 22 -31.15 -15.83 20.56
C THR A 22 -31.20 -14.52 21.32
N THR A 23 -30.87 -14.57 22.61
CA THR A 23 -30.93 -13.41 23.49
C THR A 23 -29.54 -12.85 23.77
N GLY A 24 -28.62 -13.73 24.18
CA GLY A 24 -27.29 -13.31 24.56
C GLY A 24 -27.18 -12.84 26.00
N LEU A 25 -25.95 -12.61 26.44
CA LEU A 25 -25.67 -12.19 27.81
C LEU A 25 -26.40 -10.93 28.24
N THR A 26 -26.78 -10.91 29.51
CA THR A 26 -27.42 -9.76 30.13
C THR A 26 -26.33 -8.81 30.59
N PRO A 27 -26.63 -7.51 30.68
CA PRO A 27 -25.61 -6.56 31.11
C PRO A 27 -24.81 -7.01 32.34
N ASP A 28 -25.48 -7.61 33.32
CA ASP A 28 -24.80 -8.10 34.53
C ASP A 28 -23.91 -9.31 34.25
N GLN A 29 -24.21 -10.07 33.18
CA GLN A 29 -23.37 -11.19 32.76
C GLN A 29 -22.10 -10.72 32.07
N VAL A 30 -22.17 -9.55 31.44
CA VAL A 30 -21.01 -8.97 30.78
C VAL A 30 -20.08 -8.38 31.83
N LYS A 31 -20.62 -7.60 32.75
CA LYS A 31 -19.83 -7.04 33.85
C LYS A 31 -19.05 -8.16 34.54
N ARG A 32 -19.77 -9.21 34.92
CA ARG A 32 -19.22 -10.37 35.61
C ARG A 32 -18.21 -11.15 34.77
N HIS A 33 -18.53 -11.38 33.50
CA HIS A 33 -17.64 -12.13 32.60
C HIS A 33 -16.37 -11.37 32.25
N LEU A 34 -16.49 -10.06 32.09
CA LEU A 34 -15.37 -9.18 31.81
C LEU A 34 -14.33 -9.30 32.93
N GLU A 35 -14.81 -9.47 34.16
CA GLU A 35 -13.93 -9.63 35.31
C GLU A 35 -13.23 -10.99 35.34
N LYS A 36 -14.01 -12.06 35.16
CA LYS A 36 -13.48 -13.42 35.20
C LYS A 36 -12.58 -13.74 34.02
N TYR A 37 -12.80 -13.06 32.90
CA TYR A 37 -12.08 -13.38 31.67
C TYR A 37 -11.27 -12.22 31.07
N GLY A 38 -11.42 -11.02 31.61
CA GLY A 38 -10.71 -9.87 31.06
C GLY A 38 -11.21 -9.50 29.68
N HIS A 39 -10.68 -8.41 29.13
CA HIS A 39 -11.05 -7.98 27.78
C HIS A 39 -10.50 -8.92 26.69
N ASN A 40 -11.08 -8.84 25.49
CA ASN A 40 -10.67 -9.69 24.37
C ASN A 40 -9.58 -9.04 23.52
N GLU A 41 -8.34 -9.12 23.98
CA GLU A 41 -7.22 -8.48 23.32
C GLU A 41 -5.90 -9.09 23.74
N LEU A 42 -4.81 -8.51 23.24
CA LEU A 42 -3.46 -8.99 23.51
C LEU A 42 -2.54 -7.84 23.95
N PRO A 43 -1.42 -8.17 24.62
CA PRO A 43 -0.46 -7.15 25.03
C PRO A 43 0.16 -6.46 23.82
N ALA A 44 -0.03 -5.14 23.74
CA ALA A 44 0.47 -4.35 22.60
C ALA A 44 1.97 -4.48 22.43
N GLU A 45 2.48 -3.93 21.32
CA GLU A 45 3.92 -3.96 21.03
C GLU A 45 4.50 -2.55 21.08
N GLU A 46 5.58 -2.37 21.84
CA GLU A 46 6.22 -1.06 22.02
C GLU A 46 7.68 -1.06 21.54
N GLY A 47 8.48 -0.10 22.00
CA GLY A 47 9.88 -0.01 21.60
C GLY A 47 10.82 0.72 22.56
N LYS A 48 11.48 -0.04 23.43
CA LYS A 48 12.43 0.50 24.42
C LYS A 48 13.84 0.57 23.84
N SER A 49 14.50 -0.58 23.77
CA SER A 49 15.86 -0.68 23.24
C SER A 49 15.86 -0.92 21.74
N LEU A 50 16.30 0.08 20.99
CA LEU A 50 16.35 0.02 19.53
C LEU A 50 17.55 -0.80 19.07
N TRP A 51 18.02 -1.69 19.94
CA TRP A 51 19.22 -2.50 19.70
C TRP A 51 19.08 -3.45 18.51
N GLU A 52 17.92 -4.08 18.40
CA GLU A 52 17.65 -5.01 17.30
C GLU A 52 17.51 -4.26 15.97
N LEU A 53 17.29 -2.95 16.07
CA LEU A 53 17.12 -2.10 14.91
C LEU A 53 18.45 -1.51 14.48
N VAL A 54 19.48 -1.77 15.28
CA VAL A 54 20.83 -1.31 15.01
C VAL A 54 21.63 -2.41 14.32
N ILE A 55 21.46 -3.64 14.79
CA ILE A 55 22.11 -4.80 14.20
C ILE A 55 21.86 -4.86 12.69
N GLU A 56 20.64 -4.52 12.27
CA GLU A 56 20.24 -4.58 10.86
C GLU A 56 20.96 -3.56 9.99
N GLN A 57 21.41 -2.48 10.59
CA GLN A 57 22.12 -1.42 9.87
C GLN A 57 23.50 -1.89 9.41
N PHE A 58 24.05 -2.87 10.11
CA PHE A 58 25.37 -3.45 9.81
C PHE A 58 25.25 -4.88 9.30
N GLU A 59 24.30 -5.12 8.38
CA GLU A 59 24.08 -6.46 7.83
C GLU A 59 24.27 -6.54 6.32
N ASP A 60 24.06 -5.43 5.64
CA ASP A 60 24.21 -5.39 4.19
C ASP A 60 25.64 -5.75 3.79
N LEU A 61 25.80 -6.21 2.55
CA LEU A 61 27.10 -6.56 2.01
C LEU A 61 28.09 -5.39 2.05
N LEU A 62 27.68 -4.25 1.52
CA LEU A 62 28.54 -3.10 1.38
C LEU A 62 29.11 -2.56 2.69
N VAL A 63 28.32 -2.58 3.76
CA VAL A 63 28.79 -2.06 5.05
C VAL A 63 29.74 -3.03 5.74
N ARG A 64 29.57 -4.32 5.46
CA ARG A 64 30.41 -5.37 6.02
C ARG A 64 31.84 -5.30 5.49
N ILE A 65 31.96 -4.91 4.22
CA ILE A 65 33.27 -4.73 3.60
C ILE A 65 34.02 -3.61 4.32
N LEU A 66 33.29 -2.55 4.65
CA LEU A 66 33.85 -1.47 5.45
C LEU A 66 34.05 -1.91 6.88
N LEU A 67 33.17 -2.79 7.36
CA LEU A 67 33.29 -3.34 8.71
C LEU A 67 34.59 -4.16 8.79
N LEU A 68 34.93 -4.83 7.70
CA LEU A 68 36.18 -5.58 7.59
C LEU A 68 37.37 -4.65 7.47
N ALA A 69 37.24 -3.64 6.61
CA ALA A 69 38.27 -2.64 6.39
C ALA A 69 38.73 -2.05 7.72
N ALA A 70 37.80 -1.48 8.47
CA ALA A 70 38.10 -0.90 9.78
C ALA A 70 38.77 -1.93 10.71
N CYS A 71 38.39 -3.20 10.55
CA CYS A 71 38.95 -4.29 11.34
C CYS A 71 40.43 -4.51 11.00
N ILE A 72 40.73 -4.61 9.71
CA ILE A 72 42.10 -4.80 9.22
C ILE A 72 42.99 -3.61 9.56
N SER A 73 42.43 -2.40 9.47
CA SER A 73 43.17 -1.19 9.79
C SER A 73 43.50 -1.10 11.28
N PHE A 74 43.04 -2.07 12.06
CA PHE A 74 43.35 -2.16 13.49
C PHE A 74 44.39 -3.26 13.70
N VAL A 75 44.58 -4.10 12.69
CA VAL A 75 45.59 -5.14 12.72
C VAL A 75 46.96 -4.51 12.45
N LEU A 76 46.93 -3.39 11.72
CA LEU A 76 48.14 -2.65 11.37
C LEU A 76 48.43 -1.57 12.43
N ALA A 77 47.46 -1.33 13.29
CA ALA A 77 47.61 -0.36 14.37
C ALA A 77 48.65 -0.86 15.37
N TRP A 78 48.63 -2.15 15.67
CA TRP A 78 49.59 -2.75 16.60
C TRP A 78 50.89 -3.15 15.91
N PHE A 79 50.93 -2.97 14.58
CA PHE A 79 52.10 -3.26 13.77
C PHE A 79 52.62 -1.98 13.13
N GLU A 80 52.46 -0.87 13.84
CA GLU A 80 52.90 0.45 13.37
C GLU A 80 54.05 0.99 14.22
N GLU A 81 55.03 1.58 13.57
CA GLU A 81 56.21 2.17 14.23
C GLU A 81 55.86 3.45 15.00
N GLY A 82 56.52 3.65 16.14
CA GLY A 82 56.26 4.80 17.00
C GLY A 82 56.74 6.13 16.44
N GLU A 83 55.97 6.69 15.51
CA GLU A 83 56.28 7.97 14.87
C GLU A 83 55.03 8.57 14.22
N GLU A 84 54.26 7.72 13.54
CA GLU A 84 53.01 8.10 12.88
C GLU A 84 51.85 7.21 13.34
N THR A 85 51.99 6.63 14.53
CA THR A 85 50.96 5.80 15.14
C THR A 85 49.68 6.61 15.33
N ILE A 86 49.87 7.89 15.62
CA ILE A 86 48.77 8.84 15.80
C ILE A 86 47.83 8.86 14.58
N THR A 87 48.34 8.44 13.44
CA THR A 87 47.58 8.41 12.20
C THR A 87 47.21 6.98 11.81
N ALA A 88 47.74 6.01 12.54
CA ALA A 88 47.43 4.61 12.28
C ALA A 88 46.17 4.18 13.00
N PHE A 89 45.84 4.88 14.09
CA PHE A 89 44.66 4.57 14.89
C PHE A 89 43.46 5.42 14.51
N VAL A 90 43.71 6.58 13.90
CA VAL A 90 42.66 7.47 13.43
C VAL A 90 41.92 6.86 12.25
N GLU A 91 42.62 6.03 11.48
CA GLU A 91 42.03 5.38 10.31
C GLU A 91 40.74 4.62 10.65
N PRO A 92 40.82 3.57 11.48
CA PRO A 92 39.63 2.77 11.80
C PRO A 92 38.43 3.62 12.24
N PHE A 93 38.68 4.70 12.95
CA PHE A 93 37.60 5.56 13.43
C PHE A 93 36.99 6.45 12.35
N VAL A 94 37.61 6.50 11.17
CA VAL A 94 37.05 7.29 10.07
C VAL A 94 36.22 6.38 9.16
N ILE A 95 36.42 5.07 9.35
CA ILE A 95 35.72 4.06 8.58
C ILE A 95 34.49 3.67 9.37
N LEU A 96 34.54 3.90 10.68
CA LEU A 96 33.42 3.59 11.55
C LEU A 96 32.49 4.78 11.70
N LEU A 97 33.06 5.98 11.73
CA LEU A 97 32.28 7.19 11.90
C LEU A 97 31.30 7.38 10.75
N ILE A 98 31.67 6.94 9.54
CA ILE A 98 30.75 7.01 8.42
C ILE A 98 29.61 6.01 8.63
N LEU A 99 29.98 4.77 8.95
CA LEU A 99 29.02 3.70 9.18
C LEU A 99 28.04 4.07 10.28
N ILE A 100 28.57 4.57 11.40
CA ILE A 100 27.73 4.89 12.56
C ILE A 100 26.75 6.04 12.29
N ALA A 101 27.22 7.11 11.66
CA ALA A 101 26.34 8.24 11.30
C ALA A 101 25.15 7.77 10.46
N ASN A 102 25.42 6.95 9.43
CA ASN A 102 24.33 6.40 8.61
C ASN A 102 23.41 5.48 9.41
N ALA A 103 24.01 4.69 10.32
CA ALA A 103 23.24 3.81 11.17
C ALA A 103 22.21 4.60 11.97
N ILE A 104 22.63 5.76 12.49
CA ILE A 104 21.74 6.63 13.26
C ILE A 104 20.55 7.06 12.42
N VAL A 105 20.81 7.77 11.32
CA VAL A 105 19.74 8.25 10.44
C VAL A 105 18.82 7.10 10.06
N GLY A 106 19.39 5.91 9.87
CA GLY A 106 18.60 4.74 9.52
C GLY A 106 17.67 4.33 10.64
N VAL A 107 18.24 3.86 11.75
CA VAL A 107 17.45 3.39 12.87
C VAL A 107 16.46 4.44 13.35
N TRP A 108 16.88 5.70 13.34
CA TRP A 108 16.01 6.81 13.73
C TRP A 108 14.82 6.88 12.79
N GLN A 109 15.11 6.95 11.49
CA GLN A 109 14.07 7.04 10.48
C GLN A 109 13.10 5.86 10.57
N GLU A 110 13.65 4.69 10.89
CA GLU A 110 12.88 3.48 11.06
C GLU A 110 11.91 3.57 12.25
N ARG A 111 12.41 4.05 13.39
CA ARG A 111 11.58 4.16 14.59
C ARG A 111 10.40 5.10 14.32
N ASN A 112 10.63 6.15 13.55
CA ASN A 112 9.56 7.09 13.18
C ASN A 112 8.45 6.41 12.39
N ALA A 113 8.83 5.68 11.35
CA ALA A 113 7.87 4.97 10.51
C ALA A 113 7.04 3.99 11.35
N GLU A 114 7.72 3.07 12.04
CA GLU A 114 7.04 2.07 12.86
C GLU A 114 6.08 2.67 13.86
N ASN A 115 6.30 3.94 14.20
CA ASN A 115 5.43 4.63 15.15
C ASN A 115 4.18 5.22 14.52
N ALA A 116 4.34 5.89 13.38
CA ALA A 116 3.18 6.45 12.68
C ALA A 116 2.26 5.32 12.24
N ILE A 117 2.86 4.17 11.93
CA ILE A 117 2.15 2.95 11.56
C ILE A 117 1.27 2.47 12.71
N GLU A 118 1.90 2.23 13.86
CA GLU A 118 1.16 1.75 15.02
C GLU A 118 0.11 2.74 15.48
N ALA A 119 0.33 4.02 15.18
CA ALA A 119 -0.62 5.07 15.55
C ALA A 119 -1.78 5.14 14.55
N LEU A 120 -1.61 4.48 13.43
CA LEU A 120 -2.66 4.43 12.43
C LEU A 120 -3.47 3.14 12.60
N LYS A 121 -2.79 2.07 13.00
CA LYS A 121 -3.44 0.78 13.21
C LYS A 121 -4.29 0.77 14.48
N GLU A 122 -3.85 1.50 15.49
CA GLU A 122 -4.57 1.59 16.76
C GLU A 122 -5.73 2.59 16.65
N TYR A 123 -5.58 3.55 15.73
CA TYR A 123 -6.56 4.61 15.55
C TYR A 123 -8.02 4.13 15.53
N GLU A 124 -8.32 3.17 14.66
CA GLU A 124 -9.69 2.68 14.51
C GLU A 124 -9.99 1.34 15.22
N PRO A 125 -10.75 1.39 16.33
CA PRO A 125 -11.06 0.17 17.06
C PRO A 125 -11.90 -0.79 16.22
N GLU A 126 -11.55 -2.08 16.26
CA GLU A 126 -12.28 -3.08 15.50
C GLU A 126 -13.61 -3.38 16.19
N MET A 127 -14.66 -3.52 15.39
CA MET A 127 -15.97 -3.82 15.93
C MET A 127 -16.31 -5.29 15.80
N GLY A 128 -17.41 -5.67 16.42
CA GLY A 128 -17.89 -7.04 16.39
C GLY A 128 -19.40 -6.97 16.45
N LYS A 129 -20.04 -8.05 16.03
CA LYS A 129 -21.48 -8.13 16.06
C LYS A 129 -21.91 -9.19 17.05
N VAL A 130 -22.70 -8.79 18.05
CA VAL A 130 -23.20 -9.75 19.04
C VAL A 130 -24.68 -9.59 19.36
N TYR A 131 -25.24 -10.65 19.94
CA TYR A 131 -26.57 -10.60 20.55
C TYR A 131 -26.40 -10.48 22.08
N ARG A 132 -26.92 -9.39 22.62
CA ARG A 132 -26.91 -9.17 24.07
C ARG A 132 -28.36 -8.94 24.49
N ALA A 133 -28.73 -9.41 25.68
CA ALA A 133 -30.11 -9.27 26.15
C ALA A 133 -30.62 -7.83 26.06
N ASP A 134 -29.69 -6.88 26.03
CA ASP A 134 -29.98 -5.44 25.90
C ASP A 134 -30.98 -5.11 24.81
N ARG A 135 -30.79 -5.74 23.65
CA ARG A 135 -31.50 -5.35 22.44
C ARG A 135 -31.99 -6.56 21.67
N LYS A 136 -33.18 -6.43 21.09
CA LYS A 136 -33.78 -7.49 20.29
C LYS A 136 -32.95 -7.80 19.03
N SER A 137 -32.41 -6.77 18.39
CA SER A 137 -31.57 -6.98 17.22
C SER A 137 -30.09 -6.88 17.56
N VAL A 138 -29.30 -7.74 16.90
CA VAL A 138 -27.84 -7.72 16.99
C VAL A 138 -27.29 -6.28 17.02
N GLN A 139 -26.43 -6.02 17.98
CA GLN A 139 -25.82 -4.70 18.16
C GLN A 139 -24.34 -4.76 17.84
N ARG A 140 -23.75 -3.60 17.58
CA ARG A 140 -22.33 -3.50 17.25
C ARG A 140 -21.54 -3.05 18.44
N ILE A 141 -20.50 -3.80 18.81
CA ILE A 141 -19.64 -3.40 19.93
C ILE A 141 -18.16 -3.46 19.58
N LYS A 142 -17.32 -2.83 20.40
CA LYS A 142 -15.87 -2.96 20.25
C LYS A 142 -15.51 -4.42 20.37
N ALA A 143 -14.60 -4.89 19.52
CA ALA A 143 -14.18 -6.30 19.56
C ALA A 143 -13.61 -6.66 20.91
N ARG A 144 -12.81 -5.76 21.48
CA ARG A 144 -12.15 -5.98 22.78
C ARG A 144 -13.12 -6.10 23.98
N ASP A 145 -14.42 -5.99 23.72
CA ASP A 145 -15.45 -6.12 24.76
C ASP A 145 -16.15 -7.48 24.74
N ILE A 146 -15.79 -8.33 23.80
CA ILE A 146 -16.40 -9.66 23.69
C ILE A 146 -15.85 -10.59 24.78
N VAL A 147 -16.75 -11.25 25.50
CA VAL A 147 -16.34 -12.22 26.52
C VAL A 147 -16.82 -13.60 26.12
N PRO A 148 -16.12 -14.66 26.58
CA PRO A 148 -16.62 -15.98 26.26
C PRO A 148 -18.06 -16.08 26.73
N GLY A 149 -18.96 -16.54 25.88
CA GLY A 149 -20.32 -16.73 26.34
C GLY A 149 -21.39 -16.06 25.51
N ASP A 150 -21.17 -14.81 25.09
CA ASP A 150 -22.18 -14.14 24.28
C ASP A 150 -22.21 -14.67 22.85
N ILE A 151 -23.40 -14.57 22.27
CA ILE A 151 -23.68 -15.03 20.93
C ILE A 151 -23.14 -13.99 19.94
N VAL A 152 -22.27 -14.45 19.05
CA VAL A 152 -21.65 -13.56 18.06
C VAL A 152 -22.11 -13.92 16.67
N GLU A 153 -22.28 -12.88 15.85
CA GLU A 153 -22.69 -13.04 14.47
C GLU A 153 -21.61 -12.57 13.51
N VAL A 154 -21.38 -13.38 12.47
CA VAL A 154 -20.40 -13.08 11.44
C VAL A 154 -20.92 -13.57 10.07
N ALA A 155 -20.65 -12.79 9.03
CA ALA A 155 -21.12 -13.13 7.70
C ALA A 155 -19.98 -13.00 6.71
N VAL A 156 -20.21 -13.36 5.45
CA VAL A 156 -19.21 -13.22 4.37
C VAL A 156 -18.46 -11.91 4.53
N GLY A 157 -17.17 -11.91 4.25
CA GLY A 157 -16.40 -10.70 4.36
C GLY A 157 -15.85 -10.43 5.74
N ASP A 158 -16.60 -10.80 6.77
CA ASP A 158 -16.22 -10.53 8.14
C ASP A 158 -14.92 -11.24 8.55
N LYS A 159 -14.30 -10.67 9.58
CA LYS A 159 -13.15 -11.26 10.23
C LYS A 159 -13.63 -11.83 11.59
N VAL A 160 -13.32 -13.10 11.86
CA VAL A 160 -13.74 -13.69 13.14
C VAL A 160 -13.10 -12.92 14.29
N PRO A 161 -13.92 -12.37 15.19
CA PRO A 161 -13.40 -11.55 16.26
C PRO A 161 -12.77 -12.33 17.42
N ALA A 162 -13.20 -13.57 17.62
CA ALA A 162 -12.68 -14.39 18.73
C ALA A 162 -13.05 -15.83 18.48
N ASP A 163 -12.27 -16.76 19.04
CA ASP A 163 -12.58 -18.20 18.93
C ASP A 163 -14.05 -18.51 19.26
N ILE A 164 -14.76 -18.99 18.24
CA ILE A 164 -16.19 -19.18 18.37
C ILE A 164 -16.66 -20.60 18.04
N ARG A 165 -17.62 -21.06 18.83
CA ARG A 165 -18.28 -22.33 18.60
C ARG A 165 -19.54 -22.04 17.79
N ILE A 166 -19.58 -22.59 16.58
CA ILE A 166 -20.72 -22.36 15.71
C ILE A 166 -21.99 -22.99 16.27
N LEU A 167 -22.98 -22.14 16.57
CA LEU A 167 -24.28 -22.60 17.04
C LEU A 167 -25.20 -22.86 15.86
N SER A 168 -25.20 -21.93 14.90
CA SER A 168 -26.10 -22.04 13.76
C SER A 168 -25.52 -21.40 12.49
N ILE A 169 -25.76 -22.04 11.35
CA ILE A 169 -25.28 -21.54 10.06
C ILE A 169 -26.47 -21.12 9.22
N LYS A 170 -26.71 -19.82 9.14
CA LYS A 170 -27.89 -19.34 8.45
C LYS A 170 -27.90 -19.52 6.94
N SER A 171 -26.74 -19.60 6.32
CA SER A 171 -26.67 -19.86 4.87
C SER A 171 -26.55 -21.37 4.61
N THR A 172 -26.66 -21.77 3.35
CA THR A 172 -26.55 -23.16 2.95
C THR A 172 -25.10 -23.70 3.01
N THR A 173 -24.14 -22.83 3.31
CA THR A 173 -22.71 -23.19 3.42
C THR A 173 -22.00 -22.07 4.18
N LEU A 174 -20.89 -22.43 4.84
CA LEU A 174 -20.04 -21.47 5.51
C LEU A 174 -18.61 -21.85 5.19
N ARG A 175 -17.86 -20.94 4.54
CA ARG A 175 -16.45 -21.19 4.19
C ARG A 175 -15.56 -20.21 4.94
N VAL A 176 -14.29 -20.55 5.12
CA VAL A 176 -13.44 -19.73 5.98
C VAL A 176 -12.00 -19.72 5.48
N ASP A 177 -11.36 -18.55 5.51
CA ASP A 177 -9.98 -18.39 5.12
C ASP A 177 -9.13 -18.51 6.38
N GLN A 178 -8.69 -19.73 6.66
CA GLN A 178 -7.90 -20.03 7.85
C GLN A 178 -6.40 -19.94 7.59
N SER A 179 -6.02 -19.60 6.36
CA SER A 179 -4.62 -19.50 5.94
C SER A 179 -3.69 -18.93 7.01
N ILE A 180 -4.14 -17.87 7.70
CA ILE A 180 -3.33 -17.19 8.69
C ILE A 180 -2.96 -18.11 9.86
N LEU A 181 -3.78 -19.13 10.09
CA LEU A 181 -3.57 -20.05 11.20
C LEU A 181 -3.10 -21.43 10.72
N THR A 182 -4.05 -22.27 10.35
CA THR A 182 -3.80 -23.66 9.94
C THR A 182 -2.89 -23.79 8.72
N GLY A 183 -2.82 -22.74 7.91
CA GLY A 183 -1.94 -22.72 6.75
C GLY A 183 -2.57 -23.20 5.45
N GLU A 184 -3.78 -23.78 5.51
CA GLU A 184 -4.48 -24.24 4.30
C GLU A 184 -5.00 -23.09 3.41
N SER A 185 -4.76 -23.20 2.11
CA SER A 185 -5.06 -22.14 1.13
C SER A 185 -6.52 -21.99 0.77
N VAL A 186 -7.10 -23.03 0.18
CA VAL A 186 -8.51 -23.03 -0.19
C VAL A 186 -9.40 -22.91 1.06
N SER A 187 -10.46 -22.10 0.95
CA SER A 187 -11.40 -21.91 2.03
C SER A 187 -12.00 -23.25 2.44
N VAL A 188 -12.15 -23.45 3.75
CA VAL A 188 -12.67 -24.69 4.28
C VAL A 188 -14.14 -24.57 4.69
N ILE A 189 -14.87 -25.68 4.58
CA ILE A 189 -16.28 -25.77 4.98
C ILE A 189 -16.42 -25.97 6.49
N LYS A 190 -17.47 -25.39 7.06
CA LYS A 190 -17.76 -25.51 8.49
C LYS A 190 -19.16 -26.11 8.74
N HIS A 191 -19.31 -26.78 9.88
CA HIS A 191 -20.57 -27.39 10.30
C HIS A 191 -20.85 -27.12 11.79
N THR A 192 -22.04 -27.51 12.26
CA THR A 192 -22.43 -27.28 13.66
C THR A 192 -22.26 -28.47 14.61
N GLU A 193 -22.16 -29.68 14.05
CA GLU A 193 -21.95 -30.90 14.85
C GLU A 193 -20.57 -30.89 15.52
N PRO A 194 -20.49 -31.44 16.74
CA PRO A 194 -19.21 -31.46 17.47
C PRO A 194 -18.22 -32.52 17.00
N VAL A 195 -16.95 -32.26 17.22
CA VAL A 195 -15.89 -33.24 16.96
C VAL A 195 -15.46 -33.84 18.30
N PRO A 196 -15.83 -35.11 18.54
CA PRO A 196 -15.60 -35.84 19.78
C PRO A 196 -14.17 -35.77 20.29
N ASP A 197 -13.20 -36.03 19.42
CA ASP A 197 -11.78 -35.98 19.78
C ASP A 197 -11.42 -34.61 20.37
N PRO A 198 -11.17 -34.56 21.69
CA PRO A 198 -10.82 -33.34 22.43
C PRO A 198 -9.34 -32.98 22.29
N ARG A 199 -8.63 -33.75 21.47
CA ARG A 199 -7.22 -33.51 21.18
C ARG A 199 -7.07 -33.09 19.73
N ALA A 200 -8.12 -33.35 18.94
CA ALA A 200 -8.13 -33.05 17.50
C ALA A 200 -7.44 -31.73 17.21
N VAL A 201 -6.82 -31.66 16.02
CA VAL A 201 -6.12 -30.46 15.59
C VAL A 201 -7.10 -29.44 15.03
N ASN A 202 -6.65 -28.20 14.91
CA ASN A 202 -7.46 -27.12 14.37
C ASN A 202 -8.19 -27.50 13.09
N GLN A 203 -7.48 -28.20 12.22
CA GLN A 203 -8.02 -28.61 10.92
C GLN A 203 -9.18 -29.59 11.03
N ASP A 204 -9.46 -30.06 12.24
CA ASP A 204 -10.55 -31.01 12.44
C ASP A 204 -11.68 -30.40 13.26
N LYS A 205 -11.52 -29.13 13.59
CA LYS A 205 -12.52 -28.40 14.34
C LYS A 205 -13.48 -27.73 13.37
N LYS A 206 -14.22 -28.57 12.63
CA LYS A 206 -15.13 -28.11 11.60
C LYS A 206 -16.37 -27.43 12.14
N ASN A 207 -16.30 -26.96 13.38
CA ASN A 207 -17.43 -26.32 14.05
C ASN A 207 -17.01 -25.08 14.86
N MET A 208 -15.73 -24.74 14.74
CA MET A 208 -15.16 -23.59 15.43
C MET A 208 -14.77 -22.50 14.42
N LEU A 209 -14.63 -21.27 14.90
CA LEU A 209 -14.20 -20.17 14.05
C LEU A 209 -13.12 -19.41 14.79
N PHE A 210 -11.90 -19.44 14.24
CA PHE A 210 -10.72 -18.92 14.93
C PHE A 210 -10.54 -17.42 14.74
N SER A 211 -10.30 -16.73 15.85
CA SER A 211 -10.07 -15.30 15.81
C SER A 211 -9.04 -15.01 14.73
N GLY A 212 -9.19 -13.88 14.06
CA GLY A 212 -8.24 -13.50 13.03
C GLY A 212 -8.36 -14.19 11.68
N THR A 213 -9.23 -15.20 11.55
CA THR A 213 -9.49 -15.78 10.24
C THR A 213 -10.65 -15.02 9.59
N ASN A 214 -11.00 -15.31 8.33
CA ASN A 214 -12.07 -14.58 7.65
C ASN A 214 -13.17 -15.47 7.04
N ILE A 215 -14.43 -15.04 7.14
CA ILE A 215 -15.51 -15.80 6.49
C ILE A 215 -15.42 -15.56 4.98
N ALA A 216 -15.20 -16.65 4.25
CA ALA A 216 -15.08 -16.59 2.81
C ALA A 216 -16.46 -16.57 2.19
N ALA A 217 -17.42 -17.20 2.86
CA ALA A 217 -18.80 -17.25 2.36
C ALA A 217 -19.78 -17.65 3.48
N GLY A 218 -21.02 -17.16 3.33
CA GLY A 218 -22.11 -17.50 4.26
C GLY A 218 -22.23 -16.65 5.51
N LYS A 219 -23.20 -17.01 6.36
CA LYS A 219 -23.47 -16.30 7.60
C LYS A 219 -23.70 -17.32 8.68
N ALA A 220 -23.35 -16.99 9.92
CA ALA A 220 -23.48 -17.98 10.99
C ALA A 220 -23.53 -17.37 12.40
N LEU A 221 -24.31 -17.99 13.28
CA LEU A 221 -24.40 -17.58 14.67
C LEU A 221 -23.56 -18.52 15.52
N GLY A 222 -22.77 -17.96 16.43
CA GLY A 222 -21.93 -18.77 17.30
C GLY A 222 -21.78 -18.29 18.74
N ILE A 223 -21.35 -19.19 19.62
CA ILE A 223 -21.04 -18.79 20.99
C ILE A 223 -19.53 -18.78 21.21
N VAL A 224 -19.04 -17.68 21.79
CA VAL A 224 -17.60 -17.52 22.04
C VAL A 224 -17.07 -18.55 23.04
N ALA A 225 -15.98 -19.22 22.69
CA ALA A 225 -15.33 -20.19 23.57
C ALA A 225 -14.21 -19.54 24.37
N THR A 226 -13.23 -18.98 23.67
CA THR A 226 -12.12 -18.28 24.30
C THR A 226 -11.88 -16.91 23.67
N THR A 227 -11.21 -16.02 24.40
CA THR A 227 -10.88 -14.70 23.89
C THR A 227 -9.44 -14.34 24.23
N GLY A 228 -9.08 -13.07 24.04
CA GLY A 228 -7.76 -12.54 24.39
C GLY A 228 -6.57 -13.43 24.10
N VAL A 229 -5.80 -13.75 25.14
CA VAL A 229 -4.57 -14.54 25.00
C VAL A 229 -4.80 -16.06 24.88
N SER A 230 -6.03 -16.49 25.14
CA SER A 230 -6.37 -17.92 25.11
C SER A 230 -6.79 -18.40 23.72
N THR A 231 -6.75 -17.48 22.75
CA THR A 231 -7.08 -17.79 21.37
C THR A 231 -5.92 -18.50 20.70
N GLU A 232 -6.24 -19.51 19.89
CA GLU A 232 -5.19 -20.26 19.19
C GLU A 232 -4.47 -19.38 18.20
N ILE A 233 -4.67 -18.08 18.34
CA ILE A 233 -4.06 -17.09 17.48
C ILE A 233 -3.15 -16.26 18.38
N GLY A 234 -3.65 -15.94 19.57
CA GLY A 234 -2.90 -15.14 20.54
C GLY A 234 -1.90 -15.93 21.36
N LYS A 235 -2.05 -17.25 21.36
CA LYS A 235 -1.13 -18.12 22.09
C LYS A 235 0.15 -18.34 21.28
N ILE A 236 0.11 -17.98 20.00
CA ILE A 236 1.27 -18.12 19.12
C ILE A 236 1.71 -16.78 18.53
N ARG A 237 1.52 -15.70 19.30
CA ARG A 237 1.85 -14.36 18.80
C ARG A 237 3.35 -14.08 18.80
N ASP A 238 3.86 -13.55 19.90
CA ASP A 238 5.30 -13.26 20.03
C ASP A 238 6.10 -14.54 19.86
N GLN A 239 5.47 -15.66 20.22
CA GLN A 239 6.06 -16.99 20.08
C GLN A 239 6.10 -17.40 18.62
N MET A 240 5.85 -16.45 17.73
CA MET A 240 5.88 -16.68 16.29
C MET A 240 6.85 -15.68 15.65
N ALA A 241 6.33 -14.50 15.30
CA ALA A 241 7.10 -13.48 14.58
C ALA A 241 8.02 -14.09 13.52
N ALA A 242 7.54 -15.15 12.87
CA ALA A 242 8.31 -15.89 11.87
C ALA A 242 7.92 -15.55 10.44
N THR A 243 7.47 -14.30 10.23
CA THR A 243 7.10 -13.81 8.91
C THR A 243 8.28 -13.10 8.26
N GLU A 244 9.31 -13.88 7.91
CA GLU A 244 10.54 -13.37 7.28
C GLU A 244 10.29 -12.29 6.21
N GLN A 245 10.50 -11.03 6.60
CA GLN A 245 10.37 -9.91 5.67
C GLN A 245 11.37 -10.08 4.54
N ASP A 246 10.88 -10.17 3.30
CA ASP A 246 11.76 -10.35 2.15
C ASP A 246 12.49 -9.03 1.85
N LYS A 247 12.58 -8.67 0.56
CA LYS A 247 13.26 -7.45 0.14
C LYS A 247 12.64 -6.96 -1.16
N THR A 248 12.26 -5.69 -1.20
CA THR A 248 11.56 -5.11 -2.34
C THR A 248 12.30 -5.31 -3.67
N PRO A 249 11.57 -5.49 -4.79
CA PRO A 249 12.20 -5.67 -6.10
C PRO A 249 13.30 -4.64 -6.34
N LEU A 250 12.99 -3.37 -6.09
CA LEU A 250 13.96 -2.29 -6.27
C LEU A 250 15.18 -2.45 -5.37
N GLN A 251 14.97 -2.95 -4.16
CA GLN A 251 16.08 -3.17 -3.22
C GLN A 251 17.08 -4.14 -3.81
N GLN A 252 16.59 -5.35 -4.12
CA GLN A 252 17.44 -6.37 -4.72
C GLN A 252 18.13 -5.81 -5.96
N LYS A 253 17.38 -5.07 -6.78
CA LYS A 253 17.92 -4.39 -7.96
C LYS A 253 19.14 -3.54 -7.62
N LEU A 254 19.02 -2.74 -6.55
CA LEU A 254 20.10 -1.87 -6.10
C LEU A 254 21.24 -2.63 -5.42
N ASP A 255 20.90 -3.60 -4.56
CA ASP A 255 21.90 -4.43 -3.89
C ASP A 255 22.62 -5.35 -4.89
N GLU A 256 21.93 -5.68 -5.98
CA GLU A 256 22.52 -6.40 -7.10
C GLU A 256 23.56 -5.47 -7.70
N PHE A 257 23.13 -4.26 -8.00
CA PHE A 257 23.98 -3.17 -8.45
C PHE A 257 25.05 -2.90 -7.40
N GLY A 258 24.89 -3.54 -6.24
CA GLY A 258 25.84 -3.42 -5.14
C GLY A 258 27.10 -4.23 -5.40
N GLU A 259 26.92 -5.48 -5.81
CA GLU A 259 28.06 -6.33 -6.19
C GLU A 259 28.58 -5.93 -7.55
N GLN A 260 27.69 -5.44 -8.42
CA GLN A 260 28.05 -5.02 -9.77
C GLN A 260 29.08 -3.90 -9.71
N LEU A 261 29.07 -3.14 -8.61
CA LEU A 261 30.10 -2.14 -8.38
C LEU A 261 31.19 -2.69 -7.48
N SER A 262 30.82 -3.61 -6.59
CA SER A 262 31.78 -4.24 -5.67
C SER A 262 32.81 -5.07 -6.42
N LYS A 263 32.42 -5.58 -7.59
CA LYS A 263 33.32 -6.32 -8.47
C LYS A 263 34.25 -5.32 -9.16
N VAL A 264 33.64 -4.33 -9.83
CA VAL A 264 34.39 -3.28 -10.52
C VAL A 264 35.38 -2.59 -9.59
N ILE A 265 34.89 -2.04 -8.48
CA ILE A 265 35.75 -1.35 -7.51
C ILE A 265 36.84 -2.29 -7.01
N SER A 266 36.45 -3.51 -6.61
CA SER A 266 37.40 -4.50 -6.13
C SER A 266 38.56 -4.66 -7.11
N LEU A 267 38.25 -4.53 -8.40
CA LEU A 267 39.27 -4.65 -9.46
C LEU A 267 40.18 -3.46 -9.55
N ILE A 268 39.62 -2.25 -9.64
CA ILE A 268 40.44 -1.03 -9.77
C ILE A 268 41.43 -0.87 -8.60
N CYS A 269 41.13 -1.52 -7.47
CA CYS A 269 42.00 -1.50 -6.30
C CYS A 269 43.25 -2.35 -6.48
N VAL A 270 43.05 -3.61 -6.83
CA VAL A 270 44.15 -4.51 -7.14
C VAL A 270 44.80 -4.03 -8.44
N ALA A 271 44.12 -3.11 -9.12
CA ALA A 271 44.65 -2.47 -10.32
C ALA A 271 45.49 -1.25 -9.95
N VAL A 272 45.70 -1.06 -8.65
CA VAL A 272 46.56 -0.01 -8.14
C VAL A 272 47.74 -0.67 -7.42
N TRP A 273 47.43 -1.65 -6.57
CA TRP A 273 48.45 -2.42 -5.86
C TRP A 273 49.44 -3.02 -6.85
N LEU A 274 49.04 -3.12 -8.11
CA LEU A 274 49.90 -3.67 -9.14
C LEU A 274 50.64 -2.61 -9.95
N ILE A 275 49.95 -1.52 -10.31
CA ILE A 275 50.62 -0.46 -11.08
C ILE A 275 51.62 0.33 -10.24
N ASN A 276 51.93 -0.19 -9.06
CA ASN A 276 52.90 0.41 -8.15
C ASN A 276 53.74 -0.66 -7.44
N ILE A 277 53.98 -1.78 -8.09
CA ILE A 277 54.83 -2.82 -7.51
C ILE A 277 56.29 -2.35 -7.45
N GLY A 278 56.61 -1.35 -8.27
CA GLY A 278 57.96 -0.80 -8.34
C GLY A 278 58.26 0.25 -7.27
N HIS A 279 57.23 0.68 -6.56
CA HIS A 279 57.39 1.69 -5.52
C HIS A 279 57.47 1.08 -4.13
N PHE A 280 57.16 -0.21 -4.02
CA PHE A 280 57.19 -0.90 -2.73
C PHE A 280 58.55 -0.74 -2.05
N ASN A 281 59.55 -0.36 -2.82
CA ASN A 281 60.88 -0.13 -2.32
C ASN A 281 61.38 1.26 -2.69
N ASP A 282 61.11 2.22 -1.81
CA ASP A 282 61.49 3.62 -2.00
C ASP A 282 62.01 4.22 -0.70
N PRO A 283 62.72 5.37 -0.79
CA PRO A 283 63.21 6.01 0.42
C PRO A 283 62.04 6.53 1.26
N VAL A 284 60.98 6.94 0.56
CA VAL A 284 59.80 7.51 1.19
C VAL A 284 59.00 6.49 2.01
N HIS A 285 58.39 5.51 1.34
CA HIS A 285 57.55 4.51 2.02
C HIS A 285 58.39 3.44 2.70
N GLY A 286 59.31 3.87 3.56
CA GLY A 286 60.21 2.96 4.23
C GLY A 286 61.34 2.52 3.32
N GLY A 287 61.33 1.25 2.94
CA GLY A 287 62.37 0.71 2.08
C GLY A 287 62.32 -0.80 1.92
N SER A 288 61.86 -1.49 2.97
CA SER A 288 61.79 -2.96 2.97
C SER A 288 61.06 -3.53 1.77
N TRP A 289 61.36 -4.79 1.46
CA TRP A 289 60.79 -5.49 0.30
C TRP A 289 59.27 -5.70 0.39
N ILE A 290 58.70 -5.47 1.58
CA ILE A 290 57.26 -5.61 1.79
C ILE A 290 56.65 -4.43 2.54
N ARG A 291 57.49 -3.64 3.21
CA ARG A 291 57.02 -2.48 3.97
C ARG A 291 56.33 -1.47 3.05
N GLY A 292 56.70 -1.50 1.77
CA GLY A 292 56.08 -0.63 0.78
C GLY A 292 54.84 -1.26 0.15
N ALA A 293 54.76 -2.58 0.22
CA ALA A 293 53.62 -3.33 -0.34
C ALA A 293 52.39 -3.23 0.56
N ILE A 294 52.64 -3.25 1.87
CA ILE A 294 51.58 -3.11 2.86
C ILE A 294 50.99 -1.69 2.78
N TYR A 295 51.80 -0.73 2.33
CA TYR A 295 51.35 0.64 2.14
C TYR A 295 50.33 0.74 1.01
N TYR A 296 50.76 0.40 -0.20
CA TYR A 296 49.87 0.46 -1.36
C TYR A 296 48.66 -0.48 -1.25
N PHE A 297 48.80 -1.51 -0.42
CA PHE A 297 47.67 -2.37 -0.06
C PHE A 297 46.62 -1.51 0.66
N LYS A 298 47.11 -0.52 1.41
CA LYS A 298 46.25 0.40 2.14
C LYS A 298 45.77 1.57 1.29
N ILE A 299 46.42 1.82 0.16
CA ILE A 299 45.92 2.84 -0.77
C ILE A 299 44.74 2.23 -1.49
N ALA A 300 44.82 0.91 -1.70
CA ALA A 300 43.76 0.14 -2.33
C ALA A 300 42.56 0.09 -1.40
N VAL A 301 42.73 -0.58 -0.27
CA VAL A 301 41.67 -0.75 0.73
C VAL A 301 40.95 0.57 1.02
N ALA A 302 41.70 1.68 1.00
CA ALA A 302 41.13 3.00 1.27
C ALA A 302 40.33 3.50 0.07
N LEU A 303 40.90 3.37 -1.13
CA LEU A 303 40.19 3.77 -2.34
C LEU A 303 38.92 2.94 -2.48
N ALA A 304 38.98 1.69 -2.01
CA ALA A 304 37.82 0.81 -1.97
C ALA A 304 36.75 1.45 -1.11
N VAL A 305 37.07 1.60 0.18
CA VAL A 305 36.18 2.20 1.16
C VAL A 305 35.63 3.53 0.61
N ALA A 306 36.51 4.28 -0.05
CA ALA A 306 36.15 5.54 -0.66
C ALA A 306 35.14 5.32 -1.77
N ALA A 307 35.44 4.37 -2.66
CA ALA A 307 34.60 4.15 -3.84
C ALA A 307 33.27 3.48 -3.51
N ILE A 308 33.31 2.43 -2.68
CA ILE A 308 32.10 1.68 -2.32
C ILE A 308 31.02 2.60 -1.80
N PRO A 309 29.78 2.49 -2.31
CA PRO A 309 28.70 3.31 -1.78
C PRO A 309 28.10 2.72 -0.51
N GLU A 310 28.65 3.05 0.65
CA GLU A 310 28.16 2.53 1.94
C GLU A 310 26.78 3.08 2.34
N GLY A 311 26.41 4.21 1.75
CA GLY A 311 25.12 4.83 2.03
C GLY A 311 23.96 4.22 1.25
N LEU A 312 24.27 3.50 0.18
CA LEU A 312 23.23 2.87 -0.66
C LEU A 312 22.19 2.06 0.12
N PRO A 313 22.62 1.02 0.86
CA PRO A 313 21.68 0.21 1.63
C PRO A 313 20.86 1.07 2.59
N ALA A 314 21.55 1.96 3.30
CA ALA A 314 20.88 2.79 4.28
C ALA A 314 19.87 3.73 3.63
N VAL A 315 20.31 4.43 2.59
CA VAL A 315 19.48 5.43 1.94
C VAL A 315 18.23 4.81 1.35
N ILE A 316 18.36 3.59 0.85
CA ILE A 316 17.21 2.90 0.30
C ILE A 316 16.26 2.56 1.44
N THR A 317 16.79 1.88 2.45
CA THR A 317 16.07 1.56 3.69
C THR A 317 15.39 2.77 4.30
N THR A 318 16.09 3.91 4.25
CA THR A 318 15.58 5.16 4.79
C THR A 318 14.43 5.72 3.96
N CYS A 319 14.65 5.91 2.66
CA CYS A 319 13.62 6.41 1.74
C CYS A 319 12.33 5.60 1.87
N LEU A 320 12.47 4.30 2.07
CA LEU A 320 11.34 3.39 2.28
C LEU A 320 10.60 3.69 3.58
N ALA A 321 11.33 3.76 4.69
CA ALA A 321 10.70 4.10 5.96
C ALA A 321 9.98 5.45 5.85
N LEU A 322 10.59 6.36 5.10
CA LEU A 322 10.01 7.68 4.83
C LEU A 322 8.67 7.52 4.10
N GLY A 323 8.62 6.59 3.16
CA GLY A 323 7.41 6.33 2.38
C GLY A 323 6.27 5.88 3.26
N THR A 324 6.50 4.80 4.01
CA THR A 324 5.53 4.26 4.97
C THR A 324 5.02 5.37 5.88
N ARG A 325 5.94 6.23 6.30
CA ARG A 325 5.65 7.36 7.17
C ARG A 325 4.79 8.42 6.50
N ARG A 326 5.20 8.88 5.31
CA ARG A 326 4.46 9.90 4.56
C ARG A 326 3.08 9.39 4.18
N MET A 327 2.95 8.07 4.01
CA MET A 327 1.65 7.47 3.73
C MET A 327 0.80 7.39 4.99
N ALA A 328 1.40 6.91 6.07
CA ALA A 328 0.72 6.81 7.37
C ALA A 328 0.17 8.17 7.79
N LYS A 329 0.85 9.22 7.33
CA LYS A 329 0.46 10.60 7.60
C LYS A 329 -0.89 10.90 6.94
N LYS A 330 -1.20 10.16 5.86
CA LYS A 330 -2.44 10.35 5.12
C LYS A 330 -3.41 9.20 5.35
N ASN A 331 -3.21 8.51 6.47
CA ASN A 331 -4.06 7.42 6.90
C ASN A 331 -4.07 6.24 5.95
N ALA A 332 -2.95 6.01 5.29
CA ALA A 332 -2.82 4.84 4.42
C ALA A 332 -1.84 3.88 5.07
N ILE A 333 -2.35 2.72 5.46
CA ILE A 333 -1.50 1.68 6.04
C ILE A 333 -0.82 0.95 4.90
N VAL A 334 0.51 0.97 4.89
CA VAL A 334 1.27 0.23 3.90
C VAL A 334 1.61 -1.13 4.49
N ARG A 335 0.96 -2.16 3.97
CA ARG A 335 1.11 -3.50 4.50
C ARG A 335 2.31 -4.21 3.89
N SER A 336 2.90 -3.62 2.86
CA SER A 336 4.05 -4.21 2.17
C SER A 336 4.98 -3.15 1.58
N LEU A 337 6.25 -3.17 1.98
CA LEU A 337 7.22 -2.12 1.59
C LEU A 337 7.32 -1.85 0.08
N PRO A 338 7.09 -2.89 -0.76
CA PRO A 338 7.12 -2.69 -2.22
C PRO A 338 6.05 -1.72 -2.73
N SER A 339 4.93 -1.64 -2.02
CA SER A 339 3.78 -0.83 -2.43
C SER A 339 4.09 0.49 -3.09
N VAL A 340 4.46 1.49 -2.29
CA VAL A 340 4.76 2.83 -2.77
C VAL A 340 5.67 2.78 -4.01
N GLU A 341 6.81 2.12 -3.84
CA GLU A 341 7.75 1.87 -4.92
C GLU A 341 7.05 1.44 -6.20
N THR A 342 6.29 0.35 -6.10
CA THR A 342 5.59 -0.27 -7.22
C THR A 342 4.51 0.60 -7.80
N LEU A 343 3.72 1.21 -6.93
CA LEU A 343 2.70 2.18 -7.38
C LEU A 343 3.31 3.25 -8.25
N GLY A 344 4.61 3.51 -8.09
CA GLY A 344 5.32 4.47 -8.93
C GLY A 344 5.22 4.12 -10.40
N CYS A 345 5.45 2.85 -10.69
CA CYS A 345 5.40 2.30 -12.05
C CYS A 345 4.00 1.99 -12.59
N THR A 346 2.96 2.30 -11.83
CA THR A 346 1.61 1.93 -12.24
C THR A 346 1.15 2.71 -13.46
N SER A 347 0.65 1.96 -14.43
CA SER A 347 0.16 2.53 -15.68
C SER A 347 -1.36 2.42 -15.78
N VAL A 348 -1.94 1.54 -14.97
CA VAL A 348 -3.39 1.34 -14.94
C VAL A 348 -3.91 1.06 -13.54
N ILE A 349 -4.90 1.85 -13.15
CA ILE A 349 -5.52 1.65 -11.85
C ILE A 349 -6.91 1.08 -12.08
N CYS A 350 -7.04 -0.24 -11.87
CA CYS A 350 -8.34 -0.89 -11.94
C CYS A 350 -9.06 -0.57 -10.65
N SER A 351 -10.36 -0.29 -10.72
CA SER A 351 -11.09 0.08 -9.51
C SER A 351 -12.54 -0.36 -9.44
N ASP A 352 -12.89 -0.99 -8.30
CA ASP A 352 -14.28 -1.37 -7.98
C ASP A 352 -15.16 -0.15 -7.90
N LYS A 353 -16.47 -0.35 -8.10
CA LYS A 353 -17.23 0.88 -8.08
C LYS A 353 -17.84 0.97 -6.69
N THR A 354 -18.82 0.12 -6.42
CA THR A 354 -19.59 0.34 -5.21
C THR A 354 -18.71 0.32 -3.95
N GLY A 355 -18.81 1.40 -3.17
CA GLY A 355 -18.04 1.51 -1.93
C GLY A 355 -16.56 1.83 -2.06
N THR A 356 -16.11 1.92 -3.31
CA THR A 356 -14.73 2.24 -3.62
C THR A 356 -14.80 3.59 -4.32
N LEU A 357 -15.15 3.61 -5.59
CA LEU A 357 -15.39 4.88 -6.28
C LEU A 357 -16.56 5.62 -5.65
N THR A 358 -17.55 4.89 -5.15
CA THR A 358 -18.72 5.49 -4.50
C THR A 358 -18.60 5.35 -3.01
N THR A 359 -19.54 5.95 -2.28
CA THR A 359 -19.44 6.04 -0.83
C THR A 359 -20.07 4.90 -0.08
N ASN A 360 -20.85 4.07 -0.76
CA ASN A 360 -21.57 2.94 -0.15
C ASN A 360 -22.54 3.37 0.95
N GLN A 361 -22.92 4.66 0.94
CA GLN A 361 -23.97 5.16 1.80
C GLN A 361 -25.25 4.93 1.03
N MET A 362 -25.94 3.84 1.30
CA MET A 362 -27.13 3.51 0.51
C MET A 362 -28.42 4.06 1.15
N SER A 363 -29.35 4.48 0.31
CA SER A 363 -30.68 4.89 0.79
C SER A 363 -31.65 4.85 -0.36
N VAL A 364 -32.79 4.18 -0.14
CA VAL A 364 -33.76 4.04 -1.20
C VAL A 364 -34.49 5.35 -1.28
N CYS A 365 -34.38 6.03 -2.40
CA CYS A 365 -35.07 7.28 -2.57
C CYS A 365 -36.27 7.11 -3.47
N LYS A 366 -36.25 6.11 -4.34
CA LYS A 366 -37.33 5.87 -5.31
C LYS A 366 -37.76 4.39 -5.31
N MET A 367 -39.05 4.13 -5.53
CA MET A 367 -39.57 2.76 -5.61
C MET A 367 -40.84 2.70 -6.44
N PHE A 368 -41.11 1.57 -7.08
CA PHE A 368 -42.34 1.47 -7.85
C PHE A 368 -42.90 0.06 -7.98
N ILE A 369 -44.22 -0.03 -7.98
CA ILE A 369 -44.93 -1.28 -8.15
C ILE A 369 -45.85 -1.06 -9.34
N ILE A 370 -46.47 -2.13 -9.81
CA ILE A 370 -47.41 -1.99 -10.92
C ILE A 370 -48.66 -1.30 -10.41
N ASP A 371 -49.27 -0.51 -11.29
CA ASP A 371 -50.51 0.18 -10.97
C ASP A 371 -51.68 -0.45 -11.74
N LYS A 372 -51.61 -0.43 -13.08
CA LYS A 372 -52.68 -0.92 -13.93
C LYS A 372 -52.11 -1.56 -15.20
N VAL A 373 -52.68 -2.69 -15.60
CA VAL A 373 -52.25 -3.42 -16.79
C VAL A 373 -53.47 -3.64 -17.66
N ASP A 374 -53.37 -3.27 -18.94
CA ASP A 374 -54.48 -3.42 -19.87
C ASP A 374 -53.97 -3.27 -21.30
N GLY A 375 -53.95 -4.38 -22.04
CA GLY A 375 -53.45 -4.38 -23.41
C GLY A 375 -52.02 -3.91 -23.46
N ASP A 376 -51.69 -3.09 -24.45
CA ASP A 376 -50.34 -2.57 -24.57
C ASP A 376 -50.07 -1.42 -23.61
N PHE A 377 -50.96 -1.25 -22.62
CA PHE A 377 -50.81 -0.16 -21.68
C PHE A 377 -50.45 -0.65 -20.28
N CYS A 378 -49.35 -0.11 -19.75
CA CYS A 378 -48.91 -0.47 -18.41
C CYS A 378 -48.55 0.78 -17.65
N SER A 379 -49.02 0.87 -16.41
CA SER A 379 -48.71 1.99 -15.56
C SER A 379 -48.17 1.53 -14.23
N LEU A 380 -47.25 2.31 -13.68
CA LEU A 380 -46.64 2.00 -12.39
C LEU A 380 -47.04 3.09 -11.41
N ASN A 381 -47.01 2.74 -10.12
CA ASN A 381 -47.15 3.71 -9.06
C ASN A 381 -45.77 3.96 -8.51
N GLU A 382 -45.15 5.06 -8.94
CA GLU A 382 -43.86 5.47 -8.37
C GLU A 382 -44.07 6.19 -7.05
N PHE A 383 -43.06 6.15 -6.21
CA PHE A 383 -43.10 6.79 -4.90
C PHE A 383 -41.74 7.36 -4.70
N SER A 384 -41.59 8.21 -3.69
CA SER A 384 -40.32 8.82 -3.41
C SER A 384 -40.14 8.72 -1.91
N ILE A 385 -38.89 8.56 -1.50
CA ILE A 385 -38.60 8.37 -0.08
C ILE A 385 -37.55 9.36 0.30
N THR A 386 -37.69 9.94 1.49
CA THR A 386 -36.81 10.99 1.94
C THR A 386 -35.98 10.50 3.11
N GLY A 387 -34.84 11.17 3.30
CA GLY A 387 -33.83 10.77 4.27
C GLY A 387 -32.70 10.04 3.53
N SER A 388 -31.47 10.41 3.84
CA SER A 388 -30.32 9.84 3.15
C SER A 388 -29.49 8.89 4.00
N THR A 389 -29.61 8.99 5.30
CA THR A 389 -28.85 8.11 6.16
C THR A 389 -29.68 6.85 6.41
N TYR A 390 -29.10 5.89 7.12
CA TYR A 390 -29.83 4.68 7.47
C TYR A 390 -30.84 4.92 8.61
N ALA A 391 -31.11 6.19 8.92
CA ALA A 391 -32.08 6.49 9.99
C ALA A 391 -33.51 6.24 9.54
N PRO A 392 -34.32 5.62 10.43
CA PRO A 392 -35.72 5.32 10.10
C PRO A 392 -36.59 6.58 10.08
N GLU A 393 -36.00 7.69 9.65
CA GLU A 393 -36.68 8.96 9.63
C GLU A 393 -36.88 9.44 8.20
N GLY A 394 -38.15 9.60 7.81
CA GLY A 394 -38.46 10.03 6.46
C GLY A 394 -39.89 9.70 6.09
N GLU A 395 -40.27 10.04 4.85
CA GLU A 395 -41.63 9.84 4.40
C GLU A 395 -41.70 9.25 3.00
N VAL A 396 -42.83 8.62 2.69
CA VAL A 396 -43.08 8.05 1.39
C VAL A 396 -44.03 9.01 0.71
N LEU A 397 -43.62 9.58 -0.43
CA LEU A 397 -44.45 10.56 -1.09
C LEU A 397 -44.95 10.04 -2.43
N LYS A 398 -46.26 10.02 -2.64
CA LYS A 398 -46.78 9.54 -3.92
C LYS A 398 -46.72 10.64 -4.95
N ASN A 399 -47.39 11.75 -4.64
CA ASN A 399 -47.37 12.93 -5.50
C ASN A 399 -47.14 14.17 -4.65
N ASP A 400 -45.97 14.23 -4.04
CA ASP A 400 -45.60 15.29 -3.09
C ASP A 400 -46.36 15.16 -1.77
N LYS A 401 -47.24 14.17 -1.67
CA LYS A 401 -48.02 13.97 -0.46
C LYS A 401 -47.54 12.77 0.34
N PRO A 402 -47.16 13.00 1.62
CA PRO A 402 -46.74 11.89 2.47
C PRO A 402 -47.82 10.82 2.48
N ILE A 403 -47.48 9.64 1.98
CA ILE A 403 -48.47 8.61 1.81
C ILE A 403 -48.34 7.50 2.85
N ARG A 404 -49.46 6.85 3.13
CA ARG A 404 -49.51 5.73 4.07
C ARG A 404 -49.29 4.45 3.27
N SER A 405 -48.06 3.96 3.26
CA SER A 405 -47.65 2.79 2.43
C SER A 405 -48.64 1.61 2.43
N GLY A 406 -49.07 1.19 3.61
CA GLY A 406 -50.01 0.08 3.74
C GLY A 406 -51.33 0.30 3.05
N GLN A 407 -51.44 1.37 2.27
CA GLN A 407 -52.64 1.67 1.51
C GLN A 407 -52.56 0.97 0.17
N PHE A 408 -51.33 0.67 -0.26
CA PHE A 408 -51.11 0.02 -1.54
C PHE A 408 -50.63 -1.41 -1.31
N ASP A 409 -51.48 -2.38 -1.60
CA ASP A 409 -51.14 -3.80 -1.41
C ASP A 409 -49.79 -4.14 -2.02
N GLY A 410 -49.54 -3.67 -3.23
CA GLY A 410 -48.25 -3.87 -3.87
C GLY A 410 -47.09 -3.44 -2.99
N LEU A 411 -47.27 -2.40 -2.19
CA LEU A 411 -46.21 -1.96 -1.30
C LEU A 411 -46.10 -2.84 -0.06
N VAL A 412 -47.20 -3.42 0.37
CA VAL A 412 -47.16 -4.33 1.52
C VAL A 412 -46.22 -5.50 1.19
N GLU A 413 -46.42 -6.12 0.03
CA GLU A 413 -45.57 -7.21 -0.39
C GLU A 413 -44.16 -6.67 -0.51
N LEU A 414 -44.01 -5.66 -1.35
CA LEU A 414 -42.73 -4.98 -1.58
C LEU A 414 -41.92 -4.87 -0.30
N ALA A 415 -42.56 -4.38 0.75
CA ALA A 415 -41.89 -4.26 2.03
C ALA A 415 -41.63 -5.63 2.68
N THR A 416 -42.61 -6.53 2.59
CA THR A 416 -42.49 -7.86 3.15
C THR A 416 -41.21 -8.49 2.61
N ILE A 417 -41.04 -8.44 1.30
CA ILE A 417 -39.84 -8.99 0.68
C ILE A 417 -38.58 -8.31 1.20
N CYS A 418 -38.53 -6.98 1.11
CA CYS A 418 -37.38 -6.20 1.57
C CYS A 418 -36.96 -6.57 2.96
N ALA A 419 -37.92 -6.88 3.82
CA ALA A 419 -37.63 -7.28 5.20
C ALA A 419 -37.19 -8.74 5.33
N LEU A 420 -37.88 -9.65 4.64
CA LEU A 420 -37.62 -11.08 4.80
C LEU A 420 -36.36 -11.58 4.08
N CYS A 421 -36.18 -11.09 2.86
CA CYS A 421 -35.07 -11.48 2.01
C CYS A 421 -33.89 -10.56 2.22
N ASN A 422 -33.34 -10.58 3.44
CA ASN A 422 -32.34 -9.59 3.83
C ASN A 422 -31.52 -10.10 5.01
N ASP A 423 -30.21 -10.30 4.83
CA ASP A 423 -29.35 -10.77 5.93
C ASP A 423 -28.69 -9.61 6.67
N SER A 424 -29.41 -8.52 6.85
CA SER A 424 -28.80 -7.34 7.43
C SER A 424 -29.84 -6.74 8.33
N SER A 425 -29.35 -5.96 9.28
CA SER A 425 -30.20 -5.26 10.22
C SER A 425 -29.67 -3.82 10.35
N LEU A 426 -30.24 -3.09 11.29
CA LEU A 426 -29.85 -1.73 11.55
C LEU A 426 -29.61 -1.61 13.06
N ASP A 427 -28.54 -0.94 13.45
CA ASP A 427 -28.22 -0.77 14.87
C ASP A 427 -28.01 0.70 15.19
N PHE A 428 -28.46 1.13 16.36
CA PHE A 428 -28.28 2.51 16.74
C PHE A 428 -27.09 2.72 17.66
N ASN A 429 -26.23 3.65 17.25
CA ASN A 429 -25.06 4.02 18.02
C ASN A 429 -25.42 5.16 18.97
N GLU A 430 -25.48 4.85 20.26
CA GLU A 430 -25.81 5.83 21.30
C GLU A 430 -24.68 6.84 21.44
N THR A 431 -23.44 6.35 21.38
CA THR A 431 -22.26 7.21 21.49
C THR A 431 -22.21 8.26 20.39
N LYS A 432 -22.32 7.83 19.13
CA LYS A 432 -22.28 8.75 18.01
C LYS A 432 -23.62 9.40 17.71
N GLY A 433 -24.69 8.86 18.31
CA GLY A 433 -26.04 9.36 18.08
C GLY A 433 -26.49 9.20 16.63
N VAL A 434 -26.20 8.03 16.06
CA VAL A 434 -26.48 7.79 14.64
C VAL A 434 -26.83 6.30 14.40
N TYR A 435 -27.66 6.05 13.38
CA TYR A 435 -28.06 4.69 13.01
C TYR A 435 -27.04 4.07 12.08
N GLU A 436 -26.43 2.98 12.52
CA GLU A 436 -25.38 2.30 11.75
C GLU A 436 -25.89 0.99 11.18
N LYS A 437 -25.40 0.62 10.00
CA LYS A 437 -25.80 -0.63 9.37
C LYS A 437 -25.09 -1.82 9.96
N VAL A 438 -25.67 -3.00 9.72
CA VAL A 438 -25.08 -4.24 10.15
C VAL A 438 -25.22 -5.17 8.95
N GLY A 439 -24.10 -5.50 8.32
CA GLY A 439 -24.16 -6.26 7.08
C GLY A 439 -23.94 -5.34 5.89
N GLU A 440 -24.55 -5.67 4.75
CA GLU A 440 -24.32 -4.94 3.51
C GLU A 440 -25.20 -3.71 3.38
N ALA A 441 -24.61 -2.62 2.90
CA ALA A 441 -25.35 -1.35 2.71
C ALA A 441 -26.57 -1.50 1.83
N THR A 442 -26.40 -2.14 0.66
CA THR A 442 -27.53 -2.37 -0.24
C THR A 442 -28.70 -2.97 0.54
N GLU A 443 -28.40 -3.91 1.41
CA GLU A 443 -29.42 -4.54 2.25
C GLU A 443 -29.96 -3.70 3.42
N THR A 444 -29.08 -3.03 4.16
CA THR A 444 -29.58 -2.18 5.25
C THR A 444 -30.47 -1.08 4.67
N ALA A 445 -30.06 -0.51 3.53
CA ALA A 445 -30.87 0.47 2.80
C ALA A 445 -32.30 -0.03 2.77
N LEU A 446 -32.46 -1.30 2.42
CA LEU A 446 -33.77 -1.91 2.39
C LEU A 446 -34.38 -1.91 3.78
N THR A 447 -33.57 -2.24 4.79
CA THR A 447 -34.05 -2.25 6.18
C THR A 447 -34.64 -0.89 6.57
N THR A 448 -33.89 0.19 6.35
CA THR A 448 -34.43 1.51 6.68
C THR A 448 -35.70 1.77 5.89
N LEU A 449 -35.71 1.38 4.61
CA LEU A 449 -36.90 1.63 3.81
C LEU A 449 -38.14 1.05 4.48
N VAL A 450 -38.07 -0.20 4.93
CA VAL A 450 -39.25 -0.82 5.53
C VAL A 450 -39.63 -0.13 6.83
N GLU A 451 -38.65 0.43 7.54
CA GLU A 451 -38.96 1.18 8.76
C GLU A 451 -39.70 2.46 8.41
N LYS A 452 -39.27 3.13 7.33
CA LYS A 452 -39.97 4.31 6.85
C LYS A 452 -41.34 3.92 6.32
N MET A 453 -41.42 2.81 5.59
CA MET A 453 -42.69 2.37 5.02
C MET A 453 -43.77 2.06 6.05
N ASN A 454 -43.36 1.58 7.22
CA ASN A 454 -44.27 1.12 8.28
C ASN A 454 -45.66 0.68 7.78
N VAL A 455 -45.70 -0.38 6.99
CA VAL A 455 -46.91 -0.82 6.28
C VAL A 455 -48.07 -1.31 7.15
N PHE A 456 -47.77 -1.77 8.34
CA PHE A 456 -48.82 -2.25 9.22
C PHE A 456 -49.10 -1.22 10.31
N ASN A 457 -48.98 0.05 9.92
CA ASN A 457 -49.18 1.20 10.81
C ASN A 457 -48.89 0.90 12.28
N THR A 458 -47.71 0.32 12.52
CA THR A 458 -47.28 -0.05 13.87
C THR A 458 -46.94 1.20 14.68
N GLU A 459 -47.26 1.18 15.97
CA GLU A 459 -46.94 2.28 16.87
C GLU A 459 -45.46 2.29 17.22
N VAL A 460 -44.74 3.26 16.67
CA VAL A 460 -43.31 3.37 16.83
C VAL A 460 -42.92 4.65 17.56
N ARG A 461 -43.85 5.60 17.56
CA ARG A 461 -43.66 6.93 18.13
C ARG A 461 -43.19 6.92 19.59
N ASN A 462 -43.48 5.83 20.31
CA ASN A 462 -43.08 5.69 21.71
C ASN A 462 -41.90 4.75 21.94
N LEU A 463 -40.99 4.64 20.97
CA LEU A 463 -39.85 3.73 21.06
C LEU A 463 -38.50 4.45 21.06
N SER A 464 -37.59 4.01 21.94
CA SER A 464 -36.25 4.62 22.02
C SER A 464 -35.55 4.53 20.68
N LYS A 465 -34.61 5.43 20.44
CA LYS A 465 -33.89 5.48 19.17
C LYS A 465 -33.40 4.08 18.76
N VAL A 466 -32.96 3.30 19.73
CA VAL A 466 -32.47 1.95 19.48
C VAL A 466 -33.55 0.95 19.07
N GLU A 467 -34.74 1.04 19.65
CA GLU A 467 -35.84 0.13 19.29
C GLU A 467 -36.47 0.46 17.95
N ARG A 468 -36.63 1.76 17.70
CA ARG A 468 -37.20 2.27 16.47
C ARG A 468 -36.44 1.75 15.23
N ALA A 469 -35.25 1.22 15.47
CA ALA A 469 -34.34 0.76 14.42
C ALA A 469 -34.80 -0.46 13.62
N ASN A 470 -35.47 -1.41 14.28
CA ASN A 470 -35.91 -2.64 13.62
C ASN A 470 -37.36 -3.00 13.90
N ALA A 471 -38.08 -2.05 14.48
CA ALA A 471 -39.48 -2.27 14.87
C ALA A 471 -40.36 -2.89 13.78
N CYS A 472 -40.54 -2.17 12.68
CA CYS A 472 -41.43 -2.61 11.60
C CYS A 472 -40.92 -3.82 10.86
N ASN A 473 -39.60 -3.96 10.80
CA ASN A 473 -38.99 -5.14 10.25
C ASN A 473 -39.39 -6.36 11.07
N SER A 474 -39.27 -6.27 12.38
CA SER A 474 -39.64 -7.37 13.26
C SER A 474 -41.09 -7.74 13.09
N VAL A 475 -41.94 -6.72 12.97
CA VAL A 475 -43.37 -6.91 12.81
C VAL A 475 -43.60 -7.85 11.63
N ILE A 476 -42.93 -7.57 10.52
CA ILE A 476 -43.09 -8.42 9.33
C ILE A 476 -42.56 -9.84 9.53
N ARG A 477 -41.45 -9.98 10.23
CA ARG A 477 -40.89 -11.30 10.51
C ARG A 477 -41.88 -12.15 11.29
N GLN A 478 -42.54 -11.53 12.27
CA GLN A 478 -43.49 -12.26 13.11
C GLN A 478 -44.70 -12.78 12.35
N LEU A 479 -44.75 -12.44 11.06
CA LEU A 479 -45.88 -12.76 10.21
C LEU A 479 -45.54 -13.89 9.22
N MET A 480 -44.26 -14.20 9.11
CA MET A 480 -43.76 -15.25 8.21
C MET A 480 -42.56 -15.94 8.86
N LYS A 481 -42.54 -17.27 8.80
CA LYS A 481 -41.40 -17.99 9.31
C LYS A 481 -40.44 -18.19 8.17
N LYS A 482 -39.22 -17.68 8.35
CA LYS A 482 -38.17 -17.90 7.36
C LYS A 482 -37.57 -19.30 7.56
N GLU A 483 -37.98 -20.23 6.69
CA GLU A 483 -37.49 -21.60 6.76
C GLU A 483 -35.97 -21.62 6.59
N PHE A 484 -35.50 -21.35 5.38
CA PHE A 484 -34.09 -21.29 5.05
C PHE A 484 -33.84 -20.17 4.06
N THR A 485 -32.57 -19.86 3.82
CA THR A 485 -32.26 -18.79 2.88
C THR A 485 -31.32 -19.27 1.76
N LEU A 486 -31.72 -19.06 0.51
CA LEU A 486 -30.84 -19.36 -0.63
C LEU A 486 -29.94 -18.16 -0.86
N GLU A 487 -28.86 -18.08 -0.07
CA GLU A 487 -27.98 -16.92 -0.03
C GLU A 487 -27.58 -16.36 -1.37
N PHE A 488 -27.15 -15.10 -1.32
CA PHE A 488 -26.77 -14.34 -2.49
C PHE A 488 -25.58 -14.88 -3.22
N SER A 489 -25.73 -14.99 -4.54
CA SER A 489 -24.70 -15.49 -5.45
C SER A 489 -24.59 -14.62 -6.73
N ARG A 490 -23.36 -14.25 -7.09
CA ARG A 490 -23.10 -13.34 -8.22
C ARG A 490 -23.22 -13.87 -9.64
N ASP A 491 -23.65 -15.13 -9.77
CA ASP A 491 -23.83 -15.72 -11.09
C ASP A 491 -25.30 -15.67 -11.44
N ARG A 492 -26.11 -15.67 -10.40
CA ARG A 492 -27.55 -15.59 -10.48
C ARG A 492 -27.90 -14.10 -10.37
N LYS A 493 -27.11 -13.41 -9.55
CA LYS A 493 -27.28 -12.00 -9.20
C LYS A 493 -28.61 -11.75 -8.49
N SER A 494 -29.03 -12.70 -7.68
CA SER A 494 -30.26 -12.64 -6.93
C SER A 494 -30.07 -13.42 -5.64
N MET A 495 -31.10 -13.38 -4.78
CA MET A 495 -31.09 -14.03 -3.50
C MET A 495 -32.54 -14.30 -3.12
N SER A 496 -32.84 -15.47 -2.54
CA SER A 496 -34.22 -15.73 -2.12
C SER A 496 -34.31 -16.20 -0.69
N VAL A 497 -35.54 -16.35 -0.22
CA VAL A 497 -35.83 -16.72 1.14
C VAL A 497 -37.11 -17.57 1.14
N TYR A 498 -37.08 -18.70 1.84
CA TYR A 498 -38.24 -19.60 1.90
C TYR A 498 -39.04 -19.38 3.17
N CYS A 499 -40.32 -19.10 3.01
CA CYS A 499 -41.18 -18.74 4.13
C CYS A 499 -42.53 -19.42 4.11
N SER A 500 -43.09 -19.56 5.31
CA SER A 500 -44.42 -20.09 5.53
C SER A 500 -45.06 -19.23 6.61
N PRO A 501 -46.40 -19.16 6.64
CA PRO A 501 -47.08 -18.31 7.63
C PRO A 501 -46.72 -18.70 9.07
N ALA A 502 -46.86 -17.75 9.99
CA ALA A 502 -46.45 -17.95 11.39
C ALA A 502 -47.34 -18.95 12.15
N LYS A 503 -48.43 -18.46 12.74
CA LYS A 503 -49.39 -19.31 13.46
C LYS A 503 -50.17 -20.18 12.48
N SER A 504 -51.39 -20.55 12.84
CA SER A 504 -52.30 -21.24 11.92
C SER A 504 -52.77 -20.24 10.85
N SER A 505 -52.93 -18.99 11.28
CA SER A 505 -53.31 -17.89 10.38
C SER A 505 -52.07 -17.20 9.79
N ARG A 506 -52.08 -15.86 9.75
CA ARG A 506 -50.99 -15.03 9.21
C ARG A 506 -50.85 -15.12 7.68
N ALA A 507 -51.98 -15.00 6.99
CA ALA A 507 -52.09 -15.14 5.53
C ALA A 507 -51.74 -16.58 5.07
N ALA A 508 -52.51 -17.55 5.55
CA ALA A 508 -52.25 -18.98 5.29
C ALA A 508 -52.61 -19.45 3.85
N VAL A 509 -51.93 -18.86 2.87
CA VAL A 509 -52.11 -19.20 1.46
C VAL A 509 -51.10 -20.29 1.07
N GLY A 510 -50.36 -20.80 2.06
CA GLY A 510 -49.34 -21.81 1.84
C GLY A 510 -47.93 -21.25 1.97
N ASN A 511 -47.03 -21.72 1.13
CA ASN A 511 -45.63 -21.34 1.22
C ASN A 511 -45.25 -20.32 0.18
N LYS A 512 -44.21 -19.54 0.48
CA LYS A 512 -43.71 -18.50 -0.42
C LYS A 512 -42.18 -18.40 -0.44
N MET A 513 -41.66 -17.91 -1.57
CA MET A 513 -40.25 -17.57 -1.69
C MET A 513 -40.18 -16.10 -2.03
N PHE A 514 -39.40 -15.33 -1.28
CA PHE A 514 -39.25 -13.89 -1.60
C PHE A 514 -37.89 -13.59 -2.23
N VAL A 515 -37.92 -13.23 -3.52
CA VAL A 515 -36.71 -13.01 -4.30
C VAL A 515 -36.35 -11.52 -4.46
N LYS A 516 -35.06 -11.23 -4.56
CA LYS A 516 -34.60 -9.88 -4.85
C LYS A 516 -33.22 -9.90 -5.53
N GLY A 517 -33.02 -9.05 -6.54
CA GLY A 517 -31.73 -9.09 -7.22
C GLY A 517 -31.60 -8.18 -8.42
N ALA A 518 -30.59 -8.45 -9.25
CA ALA A 518 -30.34 -7.60 -10.40
C ALA A 518 -31.60 -7.59 -11.27
N PRO A 519 -32.13 -6.41 -11.56
CA PRO A 519 -33.40 -6.35 -12.28
C PRO A 519 -33.50 -7.24 -13.51
N GLU A 520 -32.48 -7.26 -14.36
CA GLU A 520 -32.53 -8.09 -15.57
C GLU A 520 -32.89 -9.54 -15.21
N GLY A 521 -31.96 -10.22 -14.55
CA GLY A 521 -32.15 -11.60 -14.10
C GLY A 521 -33.48 -11.90 -13.44
N VAL A 522 -33.90 -11.05 -12.51
CA VAL A 522 -35.15 -11.28 -11.82
C VAL A 522 -36.33 -11.10 -12.76
N ILE A 523 -36.37 -9.99 -13.51
CA ILE A 523 -37.49 -9.74 -14.43
C ILE A 523 -37.68 -10.88 -15.43
N ASP A 524 -36.59 -11.46 -15.91
CA ASP A 524 -36.70 -12.56 -16.89
C ASP A 524 -37.27 -13.81 -16.29
N ARG A 525 -37.04 -14.05 -15.00
CA ARG A 525 -37.57 -15.23 -14.34
C ARG A 525 -38.98 -15.03 -13.76
N CYS A 526 -39.69 -14.03 -14.27
CA CYS A 526 -41.06 -13.74 -13.86
C CYS A 526 -42.04 -14.04 -14.99
N ASN A 527 -43.05 -14.85 -14.69
CA ASN A 527 -44.14 -15.11 -15.63
C ASN A 527 -45.41 -14.31 -15.29
N TYR A 528 -45.37 -13.63 -14.15
CA TYR A 528 -46.50 -12.84 -13.69
C TYR A 528 -46.06 -11.55 -13.01
N VAL A 529 -46.81 -10.47 -13.24
CA VAL A 529 -46.63 -9.23 -12.51
C VAL A 529 -47.76 -9.19 -11.50
N ARG A 530 -47.52 -8.63 -10.32
CA ARG A 530 -48.59 -8.50 -9.34
C ARG A 530 -49.20 -7.12 -9.41
N VAL A 531 -50.53 -7.06 -9.34
CA VAL A 531 -51.23 -5.79 -9.30
C VAL A 531 -52.05 -5.75 -8.02
N GLY A 532 -51.54 -5.07 -7.00
CA GLY A 532 -52.18 -5.10 -5.69
C GLY A 532 -52.03 -6.49 -5.12
N THR A 533 -53.15 -7.19 -4.97
CA THR A 533 -53.14 -8.59 -4.52
C THR A 533 -53.45 -9.48 -5.71
N THR A 534 -53.75 -8.83 -6.83
CA THR A 534 -54.07 -9.49 -8.08
C THR A 534 -52.82 -10.11 -8.70
N ARG A 535 -52.97 -10.87 -9.78
CA ARG A 535 -51.82 -11.40 -10.49
C ARG A 535 -52.14 -11.57 -11.96
N VAL A 536 -51.26 -11.10 -12.84
CA VAL A 536 -51.49 -11.23 -14.28
C VAL A 536 -50.22 -11.63 -15.02
N PRO A 537 -50.36 -12.26 -16.19
CA PRO A 537 -49.21 -12.77 -16.92
C PRO A 537 -48.26 -11.66 -17.41
N MET A 538 -46.96 -11.90 -17.27
CA MET A 538 -45.96 -10.99 -17.76
C MET A 538 -46.06 -10.94 -19.27
N THR A 539 -46.14 -9.74 -19.82
CA THR A 539 -46.22 -9.58 -21.25
C THR A 539 -45.11 -8.67 -21.73
N GLY A 540 -44.87 -8.65 -23.04
CA GLY A 540 -43.89 -7.75 -23.64
C GLY A 540 -44.05 -6.32 -23.14
N PRO A 541 -45.24 -5.72 -23.32
CA PRO A 541 -45.50 -4.34 -22.89
C PRO A 541 -45.18 -4.04 -21.42
N VAL A 542 -45.60 -4.93 -20.51
CA VAL A 542 -45.32 -4.78 -19.07
C VAL A 542 -43.82 -4.82 -18.82
N LYS A 543 -43.16 -5.82 -19.40
CA LYS A 543 -41.72 -6.00 -19.27
C LYS A 543 -41.03 -4.75 -19.78
N GLU A 544 -41.40 -4.35 -20.99
CA GLU A 544 -40.90 -3.16 -21.66
C GLU A 544 -41.00 -1.93 -20.77
N LYS A 545 -42.13 -1.81 -20.08
CA LYS A 545 -42.38 -0.69 -19.20
C LYS A 545 -41.54 -0.79 -17.93
N ILE A 546 -41.66 -1.90 -17.21
CA ILE A 546 -40.84 -2.15 -16.03
C ILE A 546 -39.39 -1.73 -16.30
N LEU A 547 -38.83 -2.27 -17.38
CA LEU A 547 -37.44 -2.02 -17.73
C LEU A 547 -37.10 -0.57 -18.02
N SER A 548 -37.94 0.09 -18.82
CA SER A 548 -37.69 1.49 -19.20
C SER A 548 -37.54 2.42 -18.00
N VAL A 549 -38.40 2.28 -17.00
CA VAL A 549 -38.27 3.07 -15.78
C VAL A 549 -37.03 2.68 -14.96
N ILE A 550 -36.59 1.43 -15.08
CA ILE A 550 -35.35 1.04 -14.43
C ILE A 550 -34.23 1.78 -15.12
N LYS A 551 -34.27 1.77 -16.45
CA LYS A 551 -33.25 2.40 -17.26
C LYS A 551 -33.15 3.88 -16.99
N GLU A 552 -34.30 4.51 -16.77
CA GLU A 552 -34.35 5.95 -16.52
C GLU A 552 -33.63 6.29 -15.22
N TRP A 553 -34.09 5.70 -14.12
CA TRP A 553 -33.50 5.94 -12.81
C TRP A 553 -32.00 5.64 -12.78
N GLY A 554 -31.60 4.61 -13.54
CA GLY A 554 -30.22 4.16 -13.57
C GLY A 554 -29.29 5.09 -14.31
N THR A 555 -29.61 5.39 -15.57
CA THR A 555 -28.82 6.33 -16.37
C THR A 555 -29.12 7.81 -16.07
N GLY A 556 -30.20 8.08 -15.35
CA GLY A 556 -30.57 9.43 -14.95
C GLY A 556 -29.56 10.21 -14.10
N ARG A 557 -29.97 11.38 -13.62
CA ARG A 557 -29.09 12.29 -12.89
C ARG A 557 -28.61 11.74 -11.57
N ASP A 558 -29.49 11.03 -10.88
CA ASP A 558 -29.15 10.44 -9.59
C ASP A 558 -28.42 9.11 -9.77
N THR A 559 -28.40 8.62 -11.02
CA THR A 559 -27.69 7.38 -11.35
C THR A 559 -27.91 6.29 -10.29
N LEU A 560 -29.17 5.96 -10.05
CA LEU A 560 -29.60 5.08 -8.99
C LEU A 560 -29.27 3.62 -9.20
N ARG A 561 -28.94 2.94 -8.10
CA ARG A 561 -28.62 1.50 -8.07
C ARG A 561 -29.92 0.72 -7.92
N CYS A 562 -30.25 -0.11 -8.90
CA CYS A 562 -31.58 -0.70 -8.96
C CYS A 562 -31.64 -2.14 -8.62
N LEU A 563 -32.77 -2.53 -8.04
CA LEU A 563 -33.00 -3.88 -7.51
C LEU A 563 -34.47 -4.29 -7.73
N ALA A 564 -34.70 -5.51 -8.24
CA ALA A 564 -36.06 -6.02 -8.49
C ALA A 564 -36.53 -6.88 -7.36
N LEU A 565 -37.84 -6.88 -7.12
CA LEU A 565 -38.42 -7.64 -6.03
C LEU A 565 -39.55 -8.51 -6.54
N ALA A 566 -39.43 -9.81 -6.30
CA ALA A 566 -40.43 -10.73 -6.78
C ALA A 566 -40.66 -11.77 -5.72
N THR A 567 -41.72 -12.56 -5.89
CA THR A 567 -41.98 -13.69 -5.00
C THR A 567 -42.44 -14.86 -5.85
N ARG A 568 -42.06 -16.07 -5.42
CA ARG A 568 -42.50 -17.27 -6.09
C ARG A 568 -43.74 -17.71 -5.34
N ASP A 569 -44.89 -17.57 -5.97
CA ASP A 569 -46.18 -17.78 -5.31
C ASP A 569 -46.43 -19.21 -4.86
N THR A 570 -45.91 -20.15 -5.63
CA THR A 570 -46.01 -21.56 -5.32
C THR A 570 -44.62 -22.13 -5.47
N PRO A 571 -43.81 -22.08 -4.40
CA PRO A 571 -42.48 -22.70 -4.48
C PRO A 571 -42.52 -24.22 -4.63
N PRO A 572 -41.37 -24.85 -4.91
CA PRO A 572 -41.31 -26.30 -4.94
C PRO A 572 -41.54 -26.86 -3.55
N LYS A 573 -41.73 -28.17 -3.43
CA LYS A 573 -41.87 -28.73 -2.10
C LYS A 573 -40.50 -28.70 -1.42
N ARG A 574 -40.50 -28.32 -0.15
CA ARG A 574 -39.28 -28.13 0.63
C ARG A 574 -38.24 -29.23 0.40
N GLU A 575 -38.74 -30.45 0.21
CA GLU A 575 -37.93 -31.65 0.02
C GLU A 575 -37.37 -31.74 -1.39
N GLU A 576 -38.12 -31.28 -2.39
CA GLU A 576 -37.69 -31.33 -3.80
C GLU A 576 -36.49 -30.41 -4.08
N MET A 577 -36.01 -29.73 -3.03
CA MET A 577 -34.93 -28.77 -3.19
C MET A 577 -33.63 -29.21 -2.52
N VAL A 578 -32.58 -29.34 -3.32
CA VAL A 578 -31.26 -29.72 -2.82
C VAL A 578 -30.43 -28.45 -2.57
N LEU A 579 -30.13 -28.22 -1.29
CA LEU A 579 -29.44 -27.01 -0.85
C LEU A 579 -27.92 -27.15 -0.72
N ASP A 580 -27.27 -27.86 -1.61
CA ASP A 580 -25.81 -27.97 -1.53
C ASP A 580 -25.13 -27.27 -2.69
N ASP A 581 -25.84 -27.16 -3.79
CA ASP A 581 -25.29 -26.56 -4.98
C ASP A 581 -25.96 -25.21 -5.27
N SER A 582 -25.23 -24.13 -5.00
CA SER A 582 -25.75 -22.78 -5.24
C SER A 582 -26.02 -22.53 -6.73
N SER A 583 -25.70 -23.52 -7.56
CA SER A 583 -25.97 -23.44 -8.99
C SER A 583 -27.41 -23.84 -9.26
N ARG A 584 -27.98 -24.67 -8.39
CA ARG A 584 -29.38 -25.08 -8.56
C ARG A 584 -30.37 -24.02 -8.09
N PHE A 585 -29.88 -23.04 -7.34
CA PHE A 585 -30.69 -21.96 -6.76
C PHE A 585 -31.47 -21.12 -7.77
N MET A 586 -30.87 -20.79 -8.91
CA MET A 586 -31.55 -20.00 -9.92
C MET A 586 -32.86 -20.60 -10.38
N GLU A 587 -32.93 -21.92 -10.48
CA GLU A 587 -34.15 -22.55 -10.95
C GLU A 587 -35.25 -22.53 -9.89
N TYR A 588 -34.89 -22.69 -8.63
CA TYR A 588 -35.86 -22.58 -7.55
C TYR A 588 -36.43 -21.15 -7.51
N GLU A 589 -35.80 -20.24 -8.24
CA GLU A 589 -36.23 -18.86 -8.33
C GLU A 589 -36.78 -18.63 -9.73
N THR A 590 -37.83 -19.38 -10.06
CA THR A 590 -38.45 -19.30 -11.38
C THR A 590 -39.94 -19.20 -11.19
N ASP A 591 -40.64 -18.86 -12.28
CA ASP A 591 -42.08 -18.71 -12.24
C ASP A 591 -42.32 -17.70 -11.13
N LEU A 592 -41.60 -16.58 -11.22
CA LEU A 592 -41.69 -15.57 -10.20
C LEU A 592 -42.80 -14.60 -10.54
N THR A 593 -43.27 -13.91 -9.52
CA THR A 593 -44.24 -12.86 -9.72
C THR A 593 -43.53 -11.54 -9.39
N PHE A 594 -43.53 -10.63 -10.37
CA PHE A 594 -42.87 -9.34 -10.21
C PHE A 594 -43.68 -8.50 -9.28
N VAL A 595 -43.02 -7.93 -8.28
CA VAL A 595 -43.71 -7.10 -7.29
C VAL A 595 -43.39 -5.61 -7.48
N GLY A 596 -42.09 -5.29 -7.49
CA GLY A 596 -41.65 -3.92 -7.69
C GLY A 596 -40.15 -3.74 -7.82
N VAL A 597 -39.74 -2.47 -7.89
CA VAL A 597 -38.32 -2.10 -8.02
C VAL A 597 -37.97 -0.99 -7.03
N VAL A 598 -36.75 -0.98 -6.54
CA VAL A 598 -36.28 0.11 -5.70
C VAL A 598 -35.01 0.66 -6.32
N GLY A 599 -34.88 1.98 -6.28
CA GLY A 599 -33.69 2.66 -6.79
C GLY A 599 -33.00 3.34 -5.64
N MET A 600 -31.73 3.00 -5.40
CA MET A 600 -31.01 3.59 -4.28
C MET A 600 -29.91 4.53 -4.73
N LEU A 601 -29.64 5.53 -3.90
CA LEU A 601 -28.57 6.43 -4.24
C LEU A 601 -27.33 6.10 -3.44
N ASP A 602 -26.22 6.23 -4.14
CA ASP A 602 -24.89 5.93 -3.65
C ASP A 602 -24.05 6.99 -4.35
N PRO A 603 -23.80 8.11 -3.65
CA PRO A 603 -23.08 9.23 -4.27
C PRO A 603 -21.60 8.92 -4.41
N PRO A 604 -20.99 9.32 -5.53
CA PRO A 604 -19.56 9.01 -5.68
C PRO A 604 -18.73 9.87 -4.74
N ARG A 605 -17.57 9.36 -4.32
CA ARG A 605 -16.66 10.10 -3.46
C ARG A 605 -16.19 11.44 -4.05
N LYS A 606 -15.94 12.41 -3.16
CA LYS A 606 -15.53 13.76 -3.54
C LYS A 606 -14.25 13.80 -4.37
N GLU A 607 -13.25 13.06 -3.91
CA GLU A 607 -11.93 13.13 -4.51
C GLU A 607 -11.74 12.28 -5.75
N VAL A 608 -12.74 11.49 -6.11
CA VAL A 608 -12.58 10.54 -7.20
C VAL A 608 -12.40 11.26 -8.53
N MET A 609 -13.21 12.27 -8.79
CA MET A 609 -13.10 13.01 -10.03
C MET A 609 -11.70 13.61 -10.22
N GLY A 610 -11.29 14.44 -9.27
CA GLY A 610 -9.97 15.06 -9.32
C GLY A 610 -8.88 14.01 -9.45
N SER A 611 -8.90 13.03 -8.54
CA SER A 611 -7.91 11.96 -8.52
C SER A 611 -7.72 11.31 -9.90
N ILE A 612 -8.82 11.04 -10.59
CA ILE A 612 -8.76 10.41 -11.91
C ILE A 612 -8.07 11.33 -12.92
N GLN A 613 -8.43 12.61 -12.89
CA GLN A 613 -7.83 13.61 -13.77
C GLN A 613 -6.30 13.68 -13.61
N LEU A 614 -5.87 13.64 -12.35
CA LEU A 614 -4.45 13.62 -12.00
C LEU A 614 -3.79 12.35 -12.49
N CYS A 615 -4.53 11.23 -12.44
CA CYS A 615 -4.00 9.98 -12.94
C CYS A 615 -3.81 10.07 -14.44
N ARG A 616 -4.75 10.73 -15.09
CA ARG A 616 -4.68 10.95 -16.52
C ARG A 616 -3.38 11.69 -16.86
N ASP A 617 -3.11 12.77 -16.13
CA ASP A 617 -1.90 13.57 -16.32
C ASP A 617 -0.62 12.77 -16.07
N ALA A 618 -0.63 11.90 -15.07
CA ALA A 618 0.51 11.07 -14.74
C ALA A 618 0.67 9.90 -15.71
N GLY A 619 -0.20 9.82 -16.70
CA GLY A 619 -0.15 8.75 -17.70
C GLY A 619 -0.67 7.45 -17.10
N ILE A 620 -1.76 7.55 -16.34
CA ILE A 620 -2.33 6.41 -15.65
C ILE A 620 -3.83 6.26 -15.97
N ARG A 621 -4.20 5.11 -16.52
CA ARG A 621 -5.60 4.81 -16.83
C ARG A 621 -6.40 4.42 -15.61
N VAL A 622 -7.72 4.60 -15.69
CA VAL A 622 -8.59 4.19 -14.58
C VAL A 622 -9.81 3.44 -15.09
N ILE A 623 -9.73 2.09 -15.04
CA ILE A 623 -10.82 1.21 -15.45
C ILE A 623 -11.79 1.03 -14.27
N MET A 624 -13.09 1.03 -14.58
CA MET A 624 -14.14 0.72 -13.61
C MET A 624 -14.55 -0.77 -13.68
N ILE A 625 -14.44 -1.52 -12.58
CA ILE A 625 -14.97 -2.91 -12.60
C ILE A 625 -16.08 -3.10 -11.57
N THR A 626 -17.29 -3.39 -12.04
CA THR A 626 -18.44 -3.57 -11.13
C THR A 626 -19.40 -4.68 -11.55
N GLY A 627 -20.08 -5.26 -10.55
CA GLY A 627 -21.26 -6.12 -10.83
C GLY A 627 -22.51 -5.27 -11.24
N ASP A 628 -22.58 -4.02 -10.81
CA ASP A 628 -23.78 -3.24 -11.12
C ASP A 628 -24.12 -3.09 -12.62
N ASN A 629 -25.36 -2.73 -12.86
CA ASN A 629 -25.89 -2.66 -14.17
C ASN A 629 -25.00 -1.71 -15.03
N LYS A 630 -24.71 -2.13 -16.26
CA LYS A 630 -23.88 -1.37 -17.22
C LYS A 630 -24.25 0.06 -17.30
N GLY A 631 -25.55 0.30 -17.31
CA GLY A 631 -26.10 1.64 -17.45
C GLY A 631 -25.65 2.53 -16.32
N THR A 632 -25.93 2.06 -15.07
CA THR A 632 -25.64 2.88 -13.90
C THR A 632 -24.14 3.08 -13.84
N ALA A 633 -23.42 2.11 -14.39
CA ALA A 633 -21.97 2.23 -14.47
C ALA A 633 -21.57 3.38 -15.41
N ILE A 634 -21.92 3.26 -16.69
CA ILE A 634 -21.53 4.27 -17.64
C ILE A 634 -21.96 5.63 -17.11
N ALA A 635 -23.14 5.67 -16.50
CA ALA A 635 -23.67 6.94 -16.02
C ALA A 635 -22.65 7.54 -15.06
N ILE A 636 -22.39 6.82 -13.97
CA ILE A 636 -21.38 7.18 -12.99
C ILE A 636 -20.04 7.55 -13.64
N CYS A 637 -19.61 6.74 -14.60
CA CYS A 637 -18.29 6.95 -15.20
C CYS A 637 -18.22 8.33 -15.79
N ARG A 638 -19.34 8.81 -16.32
CA ARG A 638 -19.39 10.16 -16.81
C ARG A 638 -19.29 11.12 -15.63
N ARG A 639 -20.09 10.87 -14.59
CA ARG A 639 -20.14 11.77 -13.44
C ARG A 639 -18.78 11.97 -12.79
N ILE A 640 -17.99 10.91 -12.74
CA ILE A 640 -16.67 10.99 -12.11
C ILE A 640 -15.53 11.31 -13.08
N GLY A 641 -15.84 11.39 -14.36
CA GLY A 641 -14.86 11.81 -15.35
C GLY A 641 -14.04 10.74 -16.02
N ILE A 642 -14.52 9.49 -16.00
CA ILE A 642 -13.86 8.42 -16.73
C ILE A 642 -14.25 8.53 -18.20
N PHE A 643 -15.51 8.87 -18.43
CA PHE A 643 -16.00 9.13 -19.78
C PHE A 643 -16.44 10.59 -19.91
N GLY A 644 -16.22 11.16 -21.08
CA GLY A 644 -16.76 12.47 -21.39
C GLY A 644 -18.27 12.48 -21.27
N GLU A 645 -18.82 13.64 -20.95
CA GLU A 645 -20.26 13.81 -20.73
C GLU A 645 -21.11 13.51 -21.98
N ASN A 646 -20.47 13.48 -23.15
CA ASN A 646 -21.19 13.19 -24.38
C ASN A 646 -20.39 12.29 -25.29
N GLU A 647 -19.57 11.44 -24.69
CA GLU A 647 -18.70 10.55 -25.43
C GLU A 647 -19.41 9.25 -25.84
N GLU A 648 -19.10 8.79 -27.04
CA GLU A 648 -19.58 7.51 -27.53
C GLU A 648 -18.72 6.43 -26.88
N VAL A 649 -19.37 5.45 -26.26
CA VAL A 649 -18.66 4.45 -25.49
C VAL A 649 -18.97 3.02 -25.93
N ALA A 650 -19.25 2.84 -27.21
CA ALA A 650 -19.61 1.54 -27.75
C ALA A 650 -18.52 0.49 -27.61
N ASP A 651 -17.27 0.91 -27.80
CA ASP A 651 -16.13 0.01 -27.74
C ASP A 651 -15.40 0.08 -26.41
N ARG A 652 -15.92 0.87 -25.48
CA ARG A 652 -15.20 1.16 -24.25
C ARG A 652 -15.95 0.79 -22.96
N ALA A 653 -17.08 0.13 -23.14
CA ALA A 653 -17.93 -0.30 -22.05
C ALA A 653 -18.48 -1.68 -22.40
N TYR A 654 -18.34 -2.62 -21.48
CA TYR A 654 -18.75 -4.00 -21.72
C TYR A 654 -19.37 -4.66 -20.50
N THR A 655 -20.38 -5.48 -20.75
CA THR A 655 -20.95 -6.32 -19.70
C THR A 655 -20.10 -7.57 -19.67
N GLY A 656 -20.16 -8.26 -18.54
CA GLY A 656 -19.45 -9.54 -18.42
C GLY A 656 -19.80 -10.46 -19.57
N ARG A 657 -21.07 -10.43 -20.01
CA ARG A 657 -21.53 -11.30 -21.08
C ARG A 657 -20.91 -10.89 -22.40
N GLU A 658 -21.05 -9.61 -22.75
CA GLU A 658 -20.46 -9.10 -23.99
C GLU A 658 -18.97 -9.39 -24.07
N PHE A 659 -18.32 -9.36 -22.91
CA PHE A 659 -16.90 -9.60 -22.79
C PHE A 659 -16.59 -11.07 -23.08
N ASP A 660 -17.29 -11.98 -22.41
CA ASP A 660 -17.10 -13.41 -22.62
C ASP A 660 -17.49 -13.85 -24.04
N ASP A 661 -18.21 -12.99 -24.76
CA ASP A 661 -18.64 -13.30 -26.11
C ASP A 661 -17.53 -13.05 -27.14
N LEU A 662 -16.56 -12.22 -26.78
CA LEU A 662 -15.45 -11.94 -27.69
C LEU A 662 -14.46 -13.09 -27.62
N PRO A 663 -13.79 -13.39 -28.74
CA PRO A 663 -12.75 -14.40 -28.52
C PRO A 663 -11.66 -13.84 -27.60
N LEU A 664 -10.87 -14.73 -26.99
CA LEU A 664 -9.84 -14.33 -26.04
C LEU A 664 -8.95 -13.16 -26.47
N ALA A 665 -8.39 -13.26 -27.67
CA ALA A 665 -7.50 -12.22 -28.21
C ALA A 665 -8.23 -10.90 -28.26
N GLU A 666 -9.55 -10.96 -28.38
CA GLU A 666 -10.38 -9.77 -28.40
C GLU A 666 -10.63 -9.25 -26.99
N GLN A 667 -10.83 -10.16 -26.05
CA GLN A 667 -11.05 -9.81 -24.65
C GLN A 667 -9.83 -9.07 -24.10
N ARG A 668 -8.67 -9.47 -24.59
CA ARG A 668 -7.42 -8.89 -24.17
C ARG A 668 -7.34 -7.45 -24.63
N GLU A 669 -7.53 -7.26 -25.93
CA GLU A 669 -7.54 -5.95 -26.58
C GLU A 669 -8.55 -4.99 -25.96
N ALA A 670 -9.68 -5.54 -25.56
CA ALA A 670 -10.76 -4.76 -24.96
C ALA A 670 -10.32 -4.12 -23.65
N CYS A 671 -9.40 -4.78 -22.95
CA CYS A 671 -8.89 -4.24 -21.70
C CYS A 671 -8.03 -2.99 -21.92
N ARG A 672 -7.41 -2.93 -23.10
CA ARG A 672 -6.59 -1.78 -23.50
C ARG A 672 -7.40 -0.54 -23.90
N ARG A 673 -8.62 -0.72 -24.40
CA ARG A 673 -9.43 0.44 -24.76
C ARG A 673 -10.63 0.69 -23.85
N ALA A 674 -11.27 -0.38 -23.38
CA ALA A 674 -12.41 -0.23 -22.48
C ALA A 674 -11.98 0.34 -21.13
N CYS A 675 -12.89 1.06 -20.50
CA CYS A 675 -12.58 1.72 -19.23
C CYS A 675 -13.74 1.45 -18.29
N CYS A 676 -14.68 0.61 -18.70
CA CYS A 676 -15.85 0.30 -17.87
C CYS A 676 -16.39 -1.11 -18.11
N PHE A 677 -16.29 -1.96 -17.08
CA PHE A 677 -16.84 -3.30 -17.17
C PHE A 677 -17.93 -3.42 -16.12
N ALA A 678 -19.11 -3.84 -16.57
CA ALA A 678 -20.29 -3.90 -15.72
C ALA A 678 -20.90 -5.31 -15.63
N ARG A 679 -21.65 -5.57 -14.58
CA ARG A 679 -22.32 -6.84 -14.47
C ARG A 679 -21.28 -7.96 -14.74
N VAL A 680 -20.11 -7.76 -14.17
CA VAL A 680 -18.98 -8.61 -14.36
C VAL A 680 -18.78 -9.36 -13.04
N GLU A 681 -18.42 -10.63 -13.11
CA GLU A 681 -18.17 -11.49 -11.93
C GLU A 681 -16.79 -11.32 -11.22
N PRO A 682 -16.60 -11.96 -10.02
CA PRO A 682 -15.28 -11.82 -9.42
C PRO A 682 -14.15 -12.42 -10.25
N SER A 683 -14.45 -13.47 -11.04
CA SER A 683 -13.42 -14.06 -11.91
C SER A 683 -13.06 -13.07 -13.03
N HIS A 684 -14.05 -12.32 -13.49
CA HIS A 684 -13.84 -11.30 -14.48
C HIS A 684 -12.87 -10.23 -14.06
N LYS A 685 -13.04 -9.66 -12.86
CA LYS A 685 -12.16 -8.56 -12.48
C LYS A 685 -10.74 -9.09 -12.54
N SER A 686 -10.53 -10.27 -11.92
CA SER A 686 -9.22 -10.92 -11.95
C SER A 686 -8.69 -11.11 -13.37
N LYS A 687 -9.56 -11.54 -14.28
CA LYS A 687 -9.19 -11.75 -15.69
C LYS A 687 -8.81 -10.43 -16.37
N ILE A 688 -9.59 -9.38 -16.13
CA ILE A 688 -9.29 -8.05 -16.70
C ILE A 688 -7.87 -7.69 -16.33
N VAL A 689 -7.61 -7.61 -15.03
CA VAL A 689 -6.32 -7.23 -14.47
C VAL A 689 -5.21 -8.06 -15.11
N GLU A 690 -5.43 -9.37 -15.17
CA GLU A 690 -4.49 -10.26 -15.81
C GLU A 690 -4.20 -9.83 -17.24
N TYR A 691 -5.26 -9.62 -18.03
CA TYR A 691 -5.09 -9.12 -19.40
C TYR A 691 -4.16 -7.93 -19.44
N LEU A 692 -4.47 -6.89 -18.69
CA LEU A 692 -3.63 -5.70 -18.62
C LEU A 692 -2.17 -6.07 -18.39
N GLN A 693 -1.93 -7.09 -17.57
CA GLN A 693 -0.58 -7.53 -17.27
C GLN A 693 0.10 -8.25 -18.41
N SER A 694 -0.66 -8.91 -19.28
CA SER A 694 -0.07 -9.58 -20.44
C SER A 694 0.57 -8.57 -21.40
N TYR A 695 0.17 -7.30 -21.29
CA TYR A 695 0.82 -6.20 -22.00
C TYR A 695 1.97 -5.64 -21.16
N ASP A 696 2.43 -6.45 -20.21
CA ASP A 696 3.50 -6.10 -19.28
C ASP A 696 3.36 -4.71 -18.69
N GLU A 697 2.23 -4.49 -18.04
CA GLU A 697 1.98 -3.23 -17.36
C GLU A 697 1.88 -3.48 -15.87
N ILE A 698 2.30 -2.50 -15.08
CA ILE A 698 2.15 -2.61 -13.64
C ILE A 698 0.73 -2.19 -13.34
N THR A 699 -0.04 -3.13 -12.83
CA THR A 699 -1.47 -2.95 -12.59
C THR A 699 -1.78 -2.89 -11.09
N ALA A 700 -2.69 -1.99 -10.75
CA ALA A 700 -3.18 -1.86 -9.39
C ALA A 700 -4.65 -2.23 -9.43
N MET A 701 -5.22 -2.51 -8.26
CA MET A 701 -6.62 -2.85 -8.14
C MET A 701 -7.11 -2.21 -6.87
N THR A 702 -8.24 -1.49 -6.96
CA THR A 702 -8.84 -0.96 -5.75
C THR A 702 -10.25 -1.49 -5.49
N GLY A 703 -10.50 -1.97 -4.26
CA GLY A 703 -11.82 -2.47 -3.87
C GLY A 703 -12.08 -2.63 -2.36
N ASP A 704 -13.22 -3.24 -2.03
CA ASP A 704 -13.73 -3.28 -0.67
C ASP A 704 -14.53 -4.55 -0.46
N GLY A 705 -15.03 -5.10 -1.57
CA GLY A 705 -15.84 -6.32 -1.59
C GLY A 705 -15.06 -7.67 -1.53
N VAL A 706 -15.69 -8.75 -1.07
CA VAL A 706 -15.06 -10.07 -1.29
C VAL A 706 -14.93 -10.38 -2.79
N ASN A 707 -15.81 -9.82 -3.61
CA ASN A 707 -15.66 -9.99 -5.04
C ASN A 707 -14.40 -9.35 -5.63
N ASP A 708 -13.67 -8.52 -4.86
CA ASP A 708 -12.44 -7.88 -5.37
C ASP A 708 -11.14 -8.59 -4.95
N ALA A 709 -11.27 -9.60 -4.10
CA ALA A 709 -10.11 -10.28 -3.54
C ALA A 709 -9.22 -10.88 -4.63
N PRO A 710 -9.78 -11.68 -5.57
CA PRO A 710 -8.88 -12.25 -6.59
C PRO A 710 -8.13 -11.17 -7.31
N ALA A 711 -8.84 -10.16 -7.80
CA ALA A 711 -8.21 -9.03 -8.52
C ALA A 711 -7.12 -8.39 -7.67
N LEU A 712 -7.48 -7.98 -6.46
CA LEU A 712 -6.53 -7.35 -5.54
C LEU A 712 -5.24 -8.17 -5.39
N LYS A 713 -5.39 -9.47 -5.19
CA LYS A 713 -4.23 -10.36 -5.10
C LYS A 713 -3.44 -10.45 -6.41
N LYS A 714 -4.16 -10.68 -7.51
CA LYS A 714 -3.59 -10.75 -8.84
C LYS A 714 -2.77 -9.50 -9.19
N ALA A 715 -3.35 -8.33 -8.98
CA ALA A 715 -2.68 -7.05 -9.29
C ALA A 715 -1.33 -6.88 -8.58
N GLU A 716 -0.39 -6.20 -9.24
CA GLU A 716 0.92 -5.91 -8.66
C GLU A 716 0.77 -5.32 -7.26
N ILE A 717 -0.08 -4.31 -7.16
CA ILE A 717 -0.42 -3.69 -5.90
C ILE A 717 -1.94 -3.55 -5.78
N GLY A 718 -2.50 -4.07 -4.70
CA GLY A 718 -3.93 -3.96 -4.42
C GLY A 718 -4.18 -3.05 -3.23
N ILE A 719 -5.19 -2.19 -3.39
CA ILE A 719 -5.54 -1.18 -2.39
C ILE A 719 -6.99 -1.36 -1.95
N ALA A 720 -7.15 -1.68 -0.65
CA ALA A 720 -8.46 -1.84 -0.02
C ALA A 720 -8.95 -0.58 0.69
N MET A 721 -10.25 -0.33 0.63
CA MET A 721 -10.90 0.69 1.43
C MET A 721 -10.91 0.30 2.92
N GLY A 722 -10.66 1.27 3.79
CA GLY A 722 -10.64 1.03 5.22
C GLY A 722 -12.02 0.65 5.72
N SER A 723 -13.03 1.15 5.02
CA SER A 723 -14.42 0.79 5.29
C SER A 723 -14.82 -0.57 4.74
N GLY A 724 -13.96 -1.21 3.96
CA GLY A 724 -14.35 -2.45 3.29
C GLY A 724 -14.30 -3.69 4.16
N THR A 725 -14.25 -4.84 3.49
CA THR A 725 -14.19 -6.10 4.21
C THR A 725 -12.78 -6.49 4.61
N ALA A 726 -12.70 -7.30 5.67
CA ALA A 726 -11.45 -7.86 6.11
C ALA A 726 -10.82 -8.64 4.97
N VAL A 727 -11.63 -9.40 4.23
CA VAL A 727 -11.06 -10.24 3.20
C VAL A 727 -10.45 -9.43 2.11
N ALA A 728 -11.10 -8.33 1.76
CA ALA A 728 -10.55 -7.44 0.74
C ALA A 728 -9.23 -6.90 1.25
N LYS A 729 -9.21 -6.47 2.51
CA LYS A 729 -8.00 -5.94 3.14
C LYS A 729 -6.87 -6.97 3.25
N THR A 730 -7.21 -8.22 3.58
CA THR A 730 -6.23 -9.29 3.65
C THR A 730 -5.53 -9.49 2.32
N ALA A 731 -6.28 -9.33 1.23
CA ALA A 731 -5.74 -9.54 -0.09
C ALA A 731 -4.96 -8.35 -0.64
N SER A 732 -4.88 -7.28 0.14
CA SER A 732 -4.29 -6.03 -0.33
C SER A 732 -2.90 -5.76 0.19
N GLU A 733 -2.16 -4.91 -0.53
CA GLU A 733 -0.81 -4.54 -0.14
C GLU A 733 -0.89 -3.23 0.62
N MET A 734 -2.03 -2.55 0.51
CA MET A 734 -2.23 -1.28 1.19
C MET A 734 -3.71 -0.94 1.45
N VAL A 735 -4.01 -0.45 2.66
CA VAL A 735 -5.37 -0.08 3.08
C VAL A 735 -5.59 1.44 3.24
N LEU A 736 -6.63 1.97 2.62
CA LEU A 736 -6.99 3.37 2.82
C LEU A 736 -7.95 3.51 3.97
N ALA A 737 -7.43 3.49 5.19
CA ALA A 737 -8.23 3.66 6.41
C ALA A 737 -9.09 4.92 6.32
N ASP A 738 -8.49 5.93 5.69
CA ASP A 738 -9.06 7.23 5.38
C ASP A 738 -10.24 7.10 4.43
N ASP A 739 -10.20 6.06 3.60
CA ASP A 739 -11.16 5.85 2.51
C ASP A 739 -10.98 6.90 1.41
N ASN A 740 -9.91 7.68 1.53
CA ASN A 740 -9.65 8.77 0.60
C ASN A 740 -8.97 8.28 -0.67
N PHE A 741 -9.74 8.26 -1.76
CA PHE A 741 -9.24 7.82 -3.05
C PHE A 741 -7.97 8.55 -3.50
N SER A 742 -7.85 9.84 -3.16
CA SER A 742 -6.68 10.67 -3.50
C SER A 742 -5.34 10.07 -3.11
N THR A 743 -5.26 9.55 -1.88
CA THR A 743 -4.04 8.97 -1.35
C THR A 743 -3.36 8.02 -2.34
N ILE A 744 -4.15 7.32 -3.14
CA ILE A 744 -3.62 6.44 -4.17
C ILE A 744 -2.66 7.19 -5.10
N VAL A 745 -3.05 8.39 -5.48
CA VAL A 745 -2.26 9.24 -6.36
C VAL A 745 -1.00 9.72 -5.64
N ALA A 746 -1.17 10.13 -4.38
CA ALA A 746 -0.06 10.58 -3.56
C ALA A 746 0.97 9.47 -3.43
N ALA A 747 0.47 8.25 -3.22
CA ALA A 747 1.33 7.09 -3.13
C ALA A 747 2.11 6.95 -4.43
N VAL A 748 1.43 7.14 -5.56
CA VAL A 748 2.09 7.06 -6.86
C VAL A 748 3.19 8.12 -7.01
N GLU A 749 2.89 9.35 -6.61
CA GLU A 749 3.89 10.41 -6.61
C GLU A 749 5.06 10.04 -5.72
N GLU A 750 4.76 9.59 -4.50
CA GLU A 750 5.77 9.15 -3.56
C GLU A 750 6.67 8.05 -4.11
N GLY A 751 6.08 7.12 -4.86
CA GLY A 751 6.85 6.03 -5.44
C GLY A 751 7.78 6.46 -6.56
N ARG A 752 7.45 7.55 -7.23
CA ARG A 752 8.30 8.09 -8.26
C ARG A 752 9.38 8.87 -7.57
N ALA A 753 9.02 9.47 -6.43
CA ALA A 753 9.99 10.22 -5.61
C ALA A 753 11.12 9.32 -5.12
N ILE A 754 10.76 8.21 -4.45
CA ILE A 754 11.75 7.26 -3.93
C ILE A 754 12.74 6.90 -5.03
N TYR A 755 12.23 6.64 -6.23
CA TYR A 755 13.08 6.24 -7.35
C TYR A 755 14.07 7.34 -7.72
N ASN A 756 13.56 8.52 -8.05
CA ASN A 756 14.42 9.66 -8.39
C ASN A 756 15.44 9.99 -7.31
N ASN A 757 15.06 9.79 -6.05
CA ASN A 757 15.99 10.01 -4.96
C ASN A 757 17.11 8.97 -5.00
N MET A 758 16.78 7.73 -5.38
CA MET A 758 17.80 6.71 -5.51
C MET A 758 18.72 7.04 -6.67
N LYS A 759 18.13 7.58 -7.75
CA LYS A 759 18.90 7.96 -8.93
C LYS A 759 19.94 9.00 -8.56
N GLN A 760 19.50 10.16 -8.08
CA GLN A 760 20.42 11.23 -7.70
C GLN A 760 21.47 10.74 -6.72
N PHE A 761 21.06 9.91 -5.75
CA PHE A 761 22.00 9.32 -4.80
C PHE A 761 23.08 8.50 -5.50
N ILE A 762 22.68 7.75 -6.53
CA ILE A 762 23.61 6.97 -7.33
C ILE A 762 24.44 7.89 -8.24
N ARG A 763 23.76 8.84 -8.87
CA ARG A 763 24.40 9.77 -9.79
C ARG A 763 25.47 10.54 -9.04
N TYR A 764 25.16 10.95 -7.82
CA TYR A 764 26.12 11.63 -6.98
C TYR A 764 27.28 10.71 -6.65
N LEU A 765 27.03 9.69 -5.83
CA LEU A 765 28.09 8.76 -5.45
C LEU A 765 28.95 8.22 -6.60
N ILE A 766 28.37 7.99 -7.77
CA ILE A 766 29.18 7.46 -8.87
C ILE A 766 30.02 8.52 -9.57
N SER A 767 29.42 9.61 -10.02
CA SER A 767 30.17 10.67 -10.69
C SER A 767 31.32 11.14 -9.79
N SER A 768 31.04 11.24 -8.48
CA SER A 768 32.03 11.66 -7.50
C SER A 768 33.13 10.63 -7.28
N ASN A 769 32.79 9.49 -6.69
CA ASN A 769 33.78 8.44 -6.43
C ASN A 769 34.62 8.05 -7.66
N VAL A 770 34.09 8.27 -8.86
CA VAL A 770 34.82 7.99 -10.09
C VAL A 770 35.94 9.01 -10.32
N GLY A 771 35.61 10.29 -10.12
CA GLY A 771 36.62 11.35 -10.21
C GLY A 771 37.75 11.10 -9.23
N GLU A 772 37.41 10.48 -8.11
CA GLU A 772 38.39 10.10 -7.10
C GLU A 772 39.37 9.07 -7.66
N VAL A 773 38.85 8.06 -8.32
CA VAL A 773 39.72 7.04 -8.89
C VAL A 773 40.51 7.63 -10.04
N VAL A 774 39.86 8.36 -10.93
CA VAL A 774 40.54 8.97 -12.08
C VAL A 774 41.47 10.10 -11.67
N CYS A 775 41.46 10.42 -10.38
CA CYS A 775 42.38 11.40 -9.83
C CYS A 775 43.69 10.69 -9.54
N ILE A 776 43.58 9.46 -9.06
CA ILE A 776 44.76 8.66 -8.71
C ILE A 776 45.39 8.02 -9.95
N PHE A 777 44.58 7.42 -10.82
CA PHE A 777 45.10 6.82 -12.06
C PHE A 777 45.64 7.89 -13.02
N LEU A 778 45.11 9.11 -12.93
CA LEU A 778 45.65 10.21 -13.74
C LEU A 778 46.94 10.71 -13.12
N THR A 779 47.13 10.42 -11.83
CA THR A 779 48.35 10.80 -11.11
C THR A 779 49.52 9.90 -11.49
N ALA A 780 49.34 8.59 -11.31
CA ALA A 780 50.38 7.62 -11.67
C ALA A 780 50.70 7.66 -13.16
N ALA A 781 49.74 8.07 -13.98
CA ALA A 781 49.89 8.11 -15.44
C ALA A 781 50.64 9.34 -15.94
N LEU A 782 50.49 10.47 -15.26
CA LEU A 782 51.22 11.68 -15.62
C LEU A 782 52.56 11.75 -14.90
N GLY A 783 52.82 10.76 -14.06
CA GLY A 783 54.08 10.67 -13.35
C GLY A 783 54.18 11.51 -12.09
N LEU A 784 53.27 12.48 -11.93
CA LEU A 784 53.27 13.39 -10.78
C LEU A 784 53.33 12.63 -9.45
N PRO A 785 53.77 13.32 -8.37
CA PRO A 785 53.89 12.64 -7.08
C PRO A 785 52.54 12.30 -6.45
N GLU A 786 52.58 11.45 -5.43
CA GLU A 786 51.39 11.03 -4.70
C GLU A 786 50.40 12.17 -4.58
N ALA A 787 49.15 11.89 -4.90
CA ALA A 787 48.10 12.89 -4.78
C ALA A 787 47.53 12.90 -3.36
N LEU A 788 47.40 11.71 -2.77
CA LEU A 788 46.81 11.55 -1.43
C LEU A 788 47.40 10.37 -0.68
N ILE A 789 46.96 10.18 0.57
CA ILE A 789 47.42 9.08 1.42
C ILE A 789 46.22 8.36 2.03
N PRO A 790 46.45 7.18 2.65
CA PRO A 790 45.35 6.39 3.22
C PRO A 790 44.28 7.19 3.96
N VAL A 791 44.64 7.83 5.08
CA VAL A 791 43.64 8.59 5.84
C VAL A 791 43.03 9.73 5.04
N GLN A 792 43.82 10.34 4.15
CA GLN A 792 43.32 11.44 3.33
C GLN A 792 42.21 10.98 2.39
N LEU A 793 42.18 9.69 2.09
CA LEU A 793 41.10 9.11 1.31
C LEU A 793 39.91 8.88 2.22
N LEU A 794 40.15 8.19 3.32
CA LEU A 794 39.10 7.87 4.29
C LEU A 794 38.35 9.14 4.69
N TRP A 795 39.09 10.23 4.87
CA TRP A 795 38.48 11.51 5.20
C TRP A 795 37.55 11.96 4.07
N VAL A 796 38.07 12.14 2.87
CA VAL A 796 37.23 12.58 1.75
C VAL A 796 36.02 11.66 1.64
N ASN A 797 36.26 10.38 1.91
CA ASN A 797 35.21 9.38 1.95
C ASN A 797 34.11 9.84 2.90
N LEU A 798 34.41 9.80 4.20
CA LEU A 798 33.47 10.13 5.26
C LEU A 798 32.75 11.47 5.09
N VAL A 799 33.36 12.38 4.34
CA VAL A 799 32.87 13.75 4.22
C VAL A 799 32.10 13.97 2.93
N THR A 800 32.29 13.09 1.96
CA THR A 800 31.57 13.20 0.70
C THR A 800 30.52 12.09 0.53
N ASP A 801 30.75 10.95 1.19
CA ASP A 801 29.85 9.80 1.10
C ASP A 801 29.12 9.54 2.42
N GLY A 802 28.75 10.61 3.11
CA GLY A 802 28.04 10.48 4.38
C GLY A 802 26.72 11.22 4.35
N LEU A 803 26.50 12.05 5.36
CA LEU A 803 25.28 12.82 5.43
C LEU A 803 24.99 13.62 4.15
N PRO A 804 26.04 14.14 3.47
CA PRO A 804 25.69 14.84 2.24
C PRO A 804 24.97 13.95 1.22
N ALA A 805 25.32 12.67 1.17
CA ALA A 805 24.73 11.72 0.24
C ALA A 805 23.35 11.24 0.70
N THR A 806 23.28 10.80 1.97
CA THR A 806 22.06 10.32 2.60
C THR A 806 20.94 11.36 2.48
N ALA A 807 21.32 12.63 2.58
CA ALA A 807 20.36 13.71 2.51
C ALA A 807 19.62 13.71 1.19
N LEU A 808 20.29 13.28 0.13
CA LEU A 808 19.65 13.20 -1.18
C LEU A 808 18.33 12.45 -1.09
N GLY A 809 18.31 11.40 -0.26
CA GLY A 809 17.07 10.66 -0.01
C GLY A 809 15.92 11.57 0.43
N PHE A 810 16.27 12.79 0.79
CA PHE A 810 15.28 13.76 1.23
C PHE A 810 15.03 14.82 0.17
N ASN A 811 15.59 14.61 -1.02
CA ASN A 811 15.29 15.50 -2.12
C ASN A 811 13.79 15.47 -2.32
N PRO A 812 13.18 16.65 -2.54
CA PRO A 812 11.75 16.76 -2.78
C PRO A 812 11.38 16.20 -4.15
N PRO A 813 10.08 16.10 -4.46
CA PRO A 813 9.72 15.57 -5.78
C PRO A 813 10.09 16.53 -6.91
N ASP A 814 10.57 15.96 -8.02
CA ASP A 814 10.92 16.72 -9.23
C ASP A 814 9.74 17.57 -9.71
N LEU A 815 10.01 18.57 -10.54
CA LEU A 815 8.98 19.53 -10.96
C LEU A 815 7.89 18.97 -11.86
N ASP A 816 8.19 17.87 -12.53
CA ASP A 816 7.28 17.28 -13.50
C ASP A 816 7.05 15.80 -13.19
N ILE A 817 7.50 15.37 -12.01
CA ILE A 817 7.38 13.98 -11.58
C ILE A 817 6.04 13.36 -11.98
N MET A 818 4.95 14.07 -11.64
CA MET A 818 3.59 13.58 -11.91
C MET A 818 2.99 14.13 -13.20
N ASP A 819 3.84 14.48 -14.15
CA ASP A 819 3.38 14.96 -15.45
C ASP A 819 4.02 14.17 -16.58
N ARG A 820 4.95 13.28 -16.21
CA ARG A 820 5.56 12.34 -17.15
C ARG A 820 4.78 11.04 -17.10
N PRO A 821 4.80 10.26 -18.21
CA PRO A 821 4.14 8.97 -18.11
C PRO A 821 4.91 8.04 -17.14
N PRO A 822 4.32 6.89 -16.78
CA PRO A 822 4.96 5.97 -15.85
C PRO A 822 6.26 5.40 -16.39
N ARG A 823 7.20 5.10 -15.50
CA ARG A 823 8.48 4.49 -15.89
C ARG A 823 8.31 3.05 -16.37
N SER A 824 8.60 2.83 -17.65
CA SER A 824 8.56 1.49 -18.24
C SER A 824 9.34 0.52 -17.34
N PRO A 825 8.73 -0.61 -16.94
CA PRO A 825 9.44 -1.55 -16.08
C PRO A 825 10.67 -2.15 -16.77
N LYS A 826 10.75 -1.90 -18.08
CA LYS A 826 11.87 -2.35 -18.91
C LYS A 826 13.08 -1.43 -18.69
N GLU A 827 12.84 -0.12 -18.73
CA GLU A 827 13.87 0.90 -18.54
C GLU A 827 14.95 0.43 -17.56
N PRO A 828 16.22 0.45 -18.00
CA PRO A 828 17.34 -0.02 -17.18
C PRO A 828 17.76 1.01 -16.14
N LEU A 829 18.24 0.52 -15.00
CA LEU A 829 18.67 1.38 -13.90
C LEU A 829 19.54 2.53 -14.40
N ILE A 830 20.71 2.19 -14.91
CA ILE A 830 21.62 3.20 -15.42
C ILE A 830 21.46 3.32 -16.94
N SER A 831 20.84 4.43 -17.34
CA SER A 831 20.69 4.78 -18.76
C SER A 831 22.05 4.84 -19.46
N GLY A 832 22.01 4.73 -20.78
CA GLY A 832 23.21 4.85 -21.60
C GLY A 832 23.74 6.27 -21.55
N TRP A 833 22.82 7.23 -21.65
CA TRP A 833 23.17 8.65 -21.56
C TRP A 833 23.62 9.06 -20.17
N LEU A 834 23.17 8.34 -19.16
CA LEU A 834 23.52 8.66 -17.77
C LEU A 834 24.96 8.26 -17.45
N PHE A 835 25.43 7.17 -18.07
CA PHE A 835 26.80 6.71 -17.85
C PHE A 835 27.85 7.62 -18.51
N PHE A 836 27.45 8.34 -19.56
CA PHE A 836 28.30 9.37 -20.13
C PHE A 836 28.36 10.51 -19.12
N ARG A 837 27.19 10.90 -18.64
CA ARG A 837 27.06 11.93 -17.61
C ARG A 837 27.94 11.65 -16.42
N TYR A 838 28.02 10.38 -16.02
CA TYR A 838 28.87 9.98 -14.90
C TYR A 838 30.33 10.24 -15.23
N MET A 839 30.81 9.67 -16.33
CA MET A 839 32.21 9.79 -16.74
C MET A 839 32.58 11.22 -17.14
N ALA A 840 31.62 11.95 -17.69
CA ALA A 840 31.85 13.34 -18.08
C ALA A 840 31.99 14.24 -16.87
N ILE A 841 31.37 13.87 -15.76
CA ILE A 841 31.49 14.64 -14.52
C ILE A 841 32.65 14.09 -13.71
N GLY A 842 32.73 12.76 -13.63
CA GLY A 842 33.79 12.09 -12.90
C GLY A 842 35.16 12.40 -13.46
N GLY A 843 35.24 12.54 -14.77
CA GLY A 843 36.48 12.86 -15.46
C GLY A 843 37.00 14.26 -15.16
N TYR A 844 36.07 15.20 -14.97
CA TYR A 844 36.42 16.57 -14.66
C TYR A 844 37.04 16.70 -13.26
N VAL A 845 36.34 16.18 -12.27
CA VAL A 845 36.79 16.27 -10.88
C VAL A 845 38.10 15.50 -10.64
N GLY A 846 38.34 14.49 -11.47
CA GLY A 846 39.57 13.73 -11.38
C GLY A 846 40.76 14.52 -11.89
N ALA A 847 40.53 15.26 -12.98
CA ALA A 847 41.57 16.09 -13.61
C ALA A 847 41.55 17.49 -13.05
N ALA A 848 40.62 17.76 -12.16
CA ALA A 848 40.51 19.07 -11.51
C ALA A 848 41.20 19.02 -10.16
N THR A 849 41.53 17.80 -9.73
CA THR A 849 42.18 17.59 -8.45
C THR A 849 43.70 17.43 -8.63
N VAL A 850 44.12 16.91 -9.78
CA VAL A 850 45.54 16.87 -10.11
C VAL A 850 46.00 18.25 -10.56
N GLY A 851 45.14 18.93 -11.31
CA GLY A 851 45.43 20.26 -11.80
C GLY A 851 45.55 21.28 -10.68
N ALA A 852 45.14 20.89 -9.48
CA ALA A 852 45.19 21.75 -8.31
C ALA A 852 46.46 21.51 -7.50
N ALA A 853 46.85 20.24 -7.37
CA ALA A 853 48.09 19.87 -6.68
C ALA A 853 49.27 20.24 -7.56
N ALA A 854 49.04 20.22 -8.88
CA ALA A 854 50.04 20.61 -9.86
C ALA A 854 50.20 22.12 -9.87
N TRP A 855 49.09 22.83 -9.67
CA TRP A 855 49.10 24.28 -9.59
C TRP A 855 49.95 24.75 -8.41
N TRP A 856 50.18 23.84 -7.47
CA TRP A 856 51.04 24.12 -6.33
C TRP A 856 52.51 23.99 -6.73
N PHE A 857 52.75 23.25 -7.81
CA PHE A 857 54.08 23.06 -8.32
C PHE A 857 54.28 23.90 -9.58
N MET A 858 53.62 23.50 -10.67
CA MET A 858 53.72 24.18 -11.97
C MET A 858 53.62 25.70 -11.86
N TYR A 859 52.45 26.23 -12.22
CA TYR A 859 52.23 27.68 -12.16
C TYR A 859 51.93 28.11 -10.73
N ALA A 860 52.73 27.60 -9.79
CA ALA A 860 52.58 27.85 -8.37
C ALA A 860 52.68 29.32 -8.01
N GLU A 861 51.62 30.07 -8.33
CA GLU A 861 51.54 31.50 -8.07
C GLU A 861 51.77 31.81 -6.59
N ASP A 862 52.89 32.47 -6.30
CA ASP A 862 53.26 32.88 -4.93
C ASP A 862 53.49 31.72 -3.95
N GLY A 863 53.16 30.50 -4.38
CA GLY A 863 53.31 29.33 -3.52
C GLY A 863 54.76 28.86 -3.45
N PRO A 864 55.30 28.71 -2.22
CA PRO A 864 56.66 28.24 -2.01
C PRO A 864 56.97 26.94 -2.76
N GLY A 865 57.81 27.04 -3.79
CA GLY A 865 58.17 25.87 -4.59
C GLY A 865 57.69 25.98 -6.02
N VAL A 866 58.22 26.97 -6.74
CA VAL A 866 57.83 27.22 -8.12
C VAL A 866 58.70 26.41 -9.10
N THR A 867 58.36 25.14 -9.26
CA THR A 867 59.10 24.22 -10.14
C THR A 867 58.83 24.46 -11.63
N TYR A 868 57.65 25.00 -11.93
CA TYR A 868 57.20 25.25 -13.30
C TYR A 868 57.35 23.98 -14.17
N HIS A 869 57.41 24.18 -15.49
CA HIS A 869 57.49 23.08 -16.47
C HIS A 869 58.32 21.87 -16.04
N GLN A 870 57.94 20.72 -16.58
CA GLN A 870 58.59 19.45 -16.25
C GLN A 870 58.52 19.16 -14.76
N LEU A 871 57.39 18.60 -14.36
CA LEU A 871 57.15 18.19 -13.00
C LEU A 871 57.07 16.68 -13.00
N THR A 872 56.72 16.14 -14.16
CA THR A 872 56.61 14.69 -14.42
C THR A 872 57.72 13.91 -13.75
N HIS A 873 58.89 14.53 -13.65
CA HIS A 873 60.03 13.90 -13.03
C HIS A 873 60.32 14.54 -11.69
N PHE A 874 60.35 13.70 -10.66
CA PHE A 874 60.63 14.14 -9.30
C PHE A 874 61.43 13.05 -8.60
N MET A 875 61.35 11.83 -9.15
CA MET A 875 62.09 10.69 -8.64
C MET A 875 63.58 10.84 -8.94
N GLN A 876 63.88 11.73 -9.89
CA GLN A 876 65.25 12.01 -10.31
C GLN A 876 65.69 13.37 -9.78
N CYS A 877 65.92 13.43 -8.48
CA CYS A 877 66.38 14.66 -7.83
C CYS A 877 67.61 14.29 -7.00
N THR A 878 67.59 13.09 -6.44
CA THR A 878 68.72 12.54 -5.69
C THR A 878 69.75 11.99 -6.68
N GLU A 879 69.47 12.17 -7.97
CA GLU A 879 70.33 11.67 -9.03
C GLU A 879 70.65 12.75 -10.07
N ASP A 880 69.81 13.77 -10.15
CA ASP A 880 69.96 14.82 -11.15
C ASP A 880 69.48 16.17 -10.66
N HIS A 881 69.98 16.61 -9.50
CA HIS A 881 69.62 17.92 -8.98
C HIS A 881 69.93 19.07 -9.94
N PRO A 882 71.06 18.99 -10.70
CA PRO A 882 71.39 20.06 -11.66
C PRO A 882 70.37 20.26 -12.79
N HIS A 883 69.13 19.88 -12.53
CA HIS A 883 68.03 20.09 -13.46
C HIS A 883 67.01 21.05 -12.82
N PHE A 884 67.06 21.17 -11.50
CA PHE A 884 66.19 22.07 -10.74
C PHE A 884 67.05 23.13 -10.07
N GLU A 885 66.71 24.40 -10.29
CA GLU A 885 67.49 25.52 -9.74
C GLU A 885 67.29 25.71 -8.24
N GLY A 886 68.28 25.25 -7.47
CA GLY A 886 68.27 25.37 -6.01
C GLY A 886 66.96 24.96 -5.37
N LEU A 887 66.37 23.87 -5.85
CA LEU A 887 65.11 23.38 -5.32
C LEU A 887 65.37 22.16 -4.45
N ASP A 888 65.02 22.28 -3.17
CA ASP A 888 65.18 21.19 -2.20
C ASP A 888 64.32 20.00 -2.62
N CYS A 889 64.93 18.81 -2.69
CA CYS A 889 64.21 17.61 -3.12
C CYS A 889 63.10 17.19 -2.16
N GLU A 890 62.88 17.99 -1.12
CA GLU A 890 61.85 17.69 -0.12
C GLU A 890 60.48 18.26 -0.46
N ILE A 891 60.44 19.29 -1.32
CA ILE A 891 59.16 19.91 -1.70
C ILE A 891 58.24 18.94 -2.44
N PHE A 892 58.76 17.77 -2.78
CA PHE A 892 57.97 16.74 -3.42
C PHE A 892 57.24 15.87 -2.41
N GLU A 893 57.78 15.83 -1.19
CA GLU A 893 57.16 15.11 -0.10
C GLU A 893 56.34 16.09 0.75
N ALA A 894 56.20 17.32 0.24
CA ALA A 894 55.47 18.38 0.93
C ALA A 894 53.99 18.03 1.07
N PRO A 895 53.40 18.37 2.24
CA PRO A 895 51.98 18.12 2.50
C PRO A 895 51.08 19.20 1.91
N GLU A 896 51.67 20.26 1.38
CA GLU A 896 50.92 21.38 0.83
C GLU A 896 50.22 21.09 -0.52
N PRO A 897 50.87 20.38 -1.46
CA PRO A 897 50.19 20.08 -2.72
C PRO A 897 49.00 19.14 -2.51
N MET A 898 49.18 18.17 -1.61
CA MET A 898 48.15 17.19 -1.29
C MET A 898 46.97 17.86 -0.62
N THR A 899 47.25 18.81 0.28
CA THR A 899 46.20 19.55 0.98
C THR A 899 45.37 20.38 0.00
N MET A 900 46.03 20.96 -0.99
CA MET A 900 45.32 21.68 -2.05
C MET A 900 44.37 20.72 -2.76
N ALA A 901 44.83 19.48 -2.95
CA ALA A 901 44.06 18.45 -3.65
C ALA A 901 42.87 17.94 -2.83
N LEU A 902 43.14 17.51 -1.60
CA LEU A 902 42.11 17.00 -0.71
C LEU A 902 40.99 18.03 -0.47
N SER A 903 41.31 19.30 -0.62
CA SER A 903 40.32 20.36 -0.43
C SER A 903 39.49 20.59 -1.70
N VAL A 904 40.13 20.50 -2.86
CA VAL A 904 39.41 20.64 -4.13
C VAL A 904 38.47 19.44 -4.31
N LEU A 905 38.88 18.30 -3.78
CA LEU A 905 38.08 17.08 -3.86
C LEU A 905 36.79 17.29 -3.09
N VAL A 906 36.89 17.37 -1.77
CA VAL A 906 35.74 17.64 -0.89
C VAL A 906 34.84 18.75 -1.47
N THR A 907 35.43 19.90 -1.77
CA THR A 907 34.70 21.06 -2.27
C THR A 907 33.96 20.86 -3.59
N ILE A 908 34.65 20.29 -4.58
CA ILE A 908 34.02 20.03 -5.88
C ILE A 908 32.89 19.03 -5.72
N GLU A 909 33.00 18.18 -4.70
CA GLU A 909 32.01 17.13 -4.45
C GLU A 909 30.74 17.71 -3.83
N MET A 910 30.90 18.58 -2.84
CA MET A 910 29.77 19.28 -2.25
C MET A 910 29.08 20.11 -3.31
N CYS A 911 29.84 20.58 -4.29
CA CYS A 911 29.27 21.33 -5.41
C CYS A 911 28.48 20.38 -6.29
N ASN A 912 29.01 19.16 -6.47
CA ASN A 912 28.36 18.17 -7.31
C ASN A 912 27.06 17.65 -6.74
N ALA A 913 27.02 17.53 -5.41
CA ALA A 913 25.80 17.11 -4.71
C ALA A 913 24.68 18.09 -5.02
N LEU A 914 25.03 19.36 -5.22
CA LEU A 914 24.05 20.37 -5.55
C LEU A 914 23.44 20.09 -6.91
N ASN A 915 24.18 19.36 -7.73
CA ASN A 915 23.68 18.91 -9.02
C ASN A 915 22.70 17.75 -8.86
N SER A 916 22.75 17.08 -7.72
CA SER A 916 21.92 15.91 -7.45
C SER A 916 20.63 16.24 -6.68
N LEU A 917 20.01 17.34 -7.05
CA LEU A 917 18.72 17.71 -6.48
C LEU A 917 17.65 17.36 -7.48
N SER A 918 18.09 17.04 -8.69
CA SER A 918 17.22 16.69 -9.79
C SER A 918 18.04 15.94 -10.81
N GLU A 919 17.38 15.24 -11.73
CA GLU A 919 18.11 14.59 -12.81
C GLU A 919 18.42 15.61 -13.89
N ASN A 920 17.38 16.14 -14.53
CA ASN A 920 17.54 17.02 -15.68
C ASN A 920 17.09 18.47 -15.47
N GLN A 921 16.85 18.86 -14.23
CA GLN A 921 16.45 20.24 -13.96
C GLN A 921 17.62 21.13 -13.57
N SER A 922 17.52 22.41 -13.92
CA SER A 922 18.56 23.40 -13.64
C SER A 922 18.73 23.67 -12.16
N LEU A 923 19.94 24.06 -11.77
CA LEU A 923 20.19 24.45 -10.40
C LEU A 923 19.53 25.79 -10.08
N MET A 924 19.01 26.44 -11.12
CA MET A 924 18.28 27.69 -10.97
C MET A 924 16.78 27.43 -10.98
N ARG A 925 16.36 26.46 -11.78
CA ARG A 925 14.96 26.03 -11.84
C ARG A 925 14.58 25.31 -10.54
N MET A 926 15.54 24.55 -10.01
CA MET A 926 15.41 23.83 -8.74
C MET A 926 16.55 24.26 -7.81
N PRO A 927 16.40 25.44 -7.17
CA PRO A 927 17.40 26.08 -6.32
C PRO A 927 18.05 25.17 -5.29
N PRO A 928 19.34 25.39 -4.99
CA PRO A 928 20.06 24.56 -4.02
C PRO A 928 19.41 24.62 -2.64
N TRP A 929 18.74 25.70 -2.34
CA TRP A 929 18.09 25.84 -1.05
C TRP A 929 16.84 24.97 -0.95
N VAL A 930 16.51 24.30 -2.06
CA VAL A 930 15.34 23.42 -2.13
C VAL A 930 15.37 22.37 -1.02
N ASN A 931 16.38 21.49 -1.05
CA ASN A 931 16.60 20.52 0.02
C ASN A 931 17.46 21.18 1.10
N ILE A 932 16.81 21.65 2.17
CA ILE A 932 17.54 22.28 3.28
C ILE A 932 18.42 21.24 3.96
N TRP A 933 17.89 20.04 4.15
CA TRP A 933 18.62 18.95 4.80
C TRP A 933 19.98 18.72 4.15
N LEU A 934 20.06 18.91 2.83
CA LEU A 934 21.32 18.74 2.11
C LEU A 934 22.30 19.85 2.47
N LEU A 935 21.81 21.08 2.49
CA LEU A 935 22.65 22.23 2.81
C LEU A 935 23.26 22.06 4.20
N GLY A 936 22.42 21.75 5.18
CA GLY A 936 22.89 21.52 6.55
C GLY A 936 23.97 20.44 6.61
N SER A 937 23.93 19.52 5.66
CA SER A 937 24.90 18.45 5.59
C SER A 937 26.15 18.92 4.87
N ILE A 938 25.96 19.68 3.78
CA ILE A 938 27.07 20.28 3.04
C ILE A 938 27.93 21.06 4.00
N CYS A 939 27.29 21.91 4.79
CA CYS A 939 27.95 22.75 5.77
C CYS A 939 28.54 21.96 6.95
N LEU A 940 27.88 20.89 7.37
CA LEU A 940 28.46 20.07 8.44
C LEU A 940 29.77 19.44 7.97
N SER A 941 29.84 19.12 6.68
CA SER A 941 31.03 18.52 6.11
C SER A 941 32.10 19.57 5.79
N MET A 942 31.68 20.64 5.12
CA MET A 942 32.57 21.74 4.75
C MET A 942 33.28 22.26 5.99
N SER A 943 32.52 22.34 7.08
CA SER A 943 33.05 22.76 8.38
C SER A 943 33.90 21.67 9.01
N LEU A 944 33.37 20.45 9.03
CA LEU A 944 34.09 19.33 9.61
C LEU A 944 35.49 19.21 9.00
N HIS A 945 35.63 19.68 7.76
CA HIS A 945 36.89 19.66 7.04
C HIS A 945 37.83 20.77 7.51
N PHE A 946 37.27 21.94 7.80
CA PHE A 946 38.07 23.06 8.28
C PHE A 946 38.72 22.78 9.65
N LEU A 947 38.09 21.93 10.45
CA LEU A 947 38.66 21.52 11.74
C LEU A 947 39.96 20.75 11.54
N ILE A 948 40.10 20.15 10.37
CA ILE A 948 41.30 19.40 10.03
C ILE A 948 42.40 20.35 9.57
N LEU A 949 42.01 21.48 9.00
CA LEU A 949 42.97 22.43 8.45
C LEU A 949 43.47 23.50 9.41
N TYR A 950 42.79 23.69 10.54
CA TYR A 950 43.15 24.80 11.43
C TYR A 950 43.20 24.48 12.92
N VAL A 951 43.01 23.21 13.30
CA VAL A 951 43.04 22.86 14.73
C VAL A 951 44.27 22.00 15.08
N ASP A 952 45.38 22.69 15.32
CA ASP A 952 46.70 22.11 15.61
C ASP A 952 46.90 20.58 15.59
N PRO A 953 46.32 19.83 16.55
CA PRO A 953 46.56 18.37 16.53
C PRO A 953 46.14 17.66 15.24
N LEU A 954 45.09 18.14 14.58
CA LEU A 954 44.54 17.48 13.39
C LEU A 954 45.42 17.56 12.13
N PRO A 955 45.72 18.78 11.63
CA PRO A 955 46.51 18.88 10.39
C PRO A 955 47.80 18.09 10.44
N MET A 956 48.22 17.70 11.65
CA MET A 956 49.39 16.87 11.85
C MET A 956 49.05 15.43 11.53
N ILE A 957 48.03 14.91 12.21
CA ILE A 957 47.56 13.54 12.04
C ILE A 957 47.16 13.27 10.60
N PHE A 958 46.39 14.20 10.04
CA PHE A 958 45.87 14.08 8.68
C PHE A 958 46.89 14.56 7.64
N LYS A 959 48.10 14.84 8.11
CA LYS A 959 49.23 15.22 7.25
C LYS A 959 48.88 16.35 6.27
N LEU A 960 48.38 17.47 6.79
CA LEU A 960 47.97 18.58 5.95
C LEU A 960 48.46 19.92 6.49
N LYS A 961 48.28 20.97 5.70
CA LYS A 961 48.67 22.32 6.10
C LYS A 961 47.66 23.33 5.57
N ALA A 962 47.15 24.20 6.45
CA ALA A 962 46.14 25.21 6.10
C ALA A 962 46.45 25.95 4.80
N LEU A 963 45.42 26.53 4.19
CA LEU A 963 45.60 27.25 2.93
C LEU A 963 45.35 28.74 3.09
N ASP A 964 46.06 29.53 2.28
CA ASP A 964 45.86 30.97 2.23
C ASP A 964 44.47 31.23 1.73
N LEU A 965 43.88 32.31 2.20
CA LEU A 965 42.54 32.72 1.79
C LEU A 965 42.46 32.96 0.27
N THR A 966 43.60 32.94 -0.42
CA THR A 966 43.64 33.14 -1.87
C THR A 966 43.85 31.82 -2.61
N GLN A 967 44.26 30.79 -1.87
CA GLN A 967 44.43 29.44 -2.41
C GLN A 967 43.08 28.75 -2.45
N TRP A 968 42.20 29.16 -1.53
CA TRP A 968 40.82 28.73 -1.51
C TRP A 968 40.11 29.28 -2.73
N LEU A 969 40.40 30.53 -3.07
CA LEU A 969 39.87 31.15 -4.28
C LEU A 969 40.18 30.27 -5.48
N MET A 970 41.27 29.53 -5.40
CA MET A 970 41.66 28.59 -6.43
C MET A 970 40.82 27.31 -6.31
N VAL A 971 40.79 26.74 -5.11
CA VAL A 971 40.00 25.55 -4.82
C VAL A 971 38.60 25.74 -5.39
N LEU A 972 38.04 26.93 -5.18
CA LEU A 972 36.72 27.28 -5.70
C LEU A 972 36.76 27.48 -7.22
N LYS A 973 37.68 28.32 -7.70
CA LYS A 973 37.79 28.63 -9.12
C LYS A 973 37.81 27.36 -9.98
N ILE A 974 38.26 26.25 -9.40
CA ILE A 974 38.37 24.99 -10.13
C ILE A 974 37.21 24.03 -9.81
N SER A 975 36.54 24.26 -8.69
CA SER A 975 35.41 23.43 -8.25
C SER A 975 34.07 23.92 -8.77
N LEU A 976 33.75 25.18 -8.45
CA LEU A 976 32.49 25.82 -8.86
C LEU A 976 32.09 25.60 -10.32
N PRO A 977 33.08 25.50 -11.24
CA PRO A 977 32.70 25.23 -12.64
C PRO A 977 32.18 23.83 -12.96
N VAL A 978 32.14 22.93 -11.97
CA VAL A 978 31.53 21.60 -12.15
C VAL A 978 30.01 21.74 -12.32
N ILE A 979 29.49 22.84 -11.78
CA ILE A 979 28.08 23.17 -11.86
C ILE A 979 27.71 23.53 -13.29
N GLY A 980 28.56 24.33 -13.94
CA GLY A 980 28.34 24.74 -15.32
C GLY A 980 28.39 23.59 -16.30
N LEU A 981 29.22 22.59 -15.99
CA LEU A 981 29.39 21.41 -16.84
C LEU A 981 28.14 20.54 -16.90
N ASP A 982 27.65 20.17 -15.72
CA ASP A 982 26.44 19.37 -15.62
C ASP A 982 25.25 20.16 -16.12
N GLU A 983 25.26 21.47 -15.84
CA GLU A 983 24.24 22.38 -16.31
C GLU A 983 24.10 22.29 -17.83
N ILE A 984 25.24 22.13 -18.51
CA ILE A 984 25.26 21.93 -19.95
C ILE A 984 24.74 20.54 -20.26
N LEU A 985 25.25 19.55 -19.54
CA LEU A 985 24.79 18.16 -19.68
C LEU A 985 23.30 18.00 -19.36
N LYS A 986 22.79 18.86 -18.48
CA LYS A 986 21.37 18.89 -18.14
C LYS A 986 20.58 19.59 -19.23
N PHE A 987 21.21 20.58 -19.86
CA PHE A 987 20.58 21.30 -20.96
C PHE A 987 20.48 20.41 -22.19
N ILE A 988 21.49 19.56 -22.37
CA ILE A 988 21.53 18.62 -23.48
C ILE A 988 20.38 17.60 -23.38
N ALA A 989 20.27 16.96 -22.23
CA ALA A 989 19.25 15.94 -21.99
C ALA A 989 17.85 16.53 -21.75
N ARG A 990 17.76 17.85 -21.73
CA ARG A 990 16.48 18.52 -21.51
C ARG A 990 15.91 19.08 -22.81
N ASN A 991 16.73 19.10 -23.86
CA ASN A 991 16.30 19.60 -25.16
C ASN A 991 16.52 18.60 -26.28
N TYR A 992 16.92 17.38 -25.92
CA TYR A 992 17.17 16.32 -26.90
C TYR A 992 16.80 14.92 -26.39
N LEU A 993 17.09 14.64 -25.12
CA LEU A 993 16.84 13.31 -24.55
C LEU A 993 16.11 13.32 -23.17
N GLU A 994 14.80 13.54 -23.19
CA GLU A 994 14.01 13.57 -21.96
C GLU A 994 13.19 12.29 -21.84
N GLY A 995 13.33 11.58 -20.71
CA GLY A 995 12.57 10.36 -20.49
C GLY A 995 12.97 9.58 -19.25
CA CA B . 32.96 10.67 -2.50
CA CA C . 32.41 5.72 -0.26
PG ACP D . -19.49 -3.55 -6.94
O1G ACP D . -19.79 -2.21 -7.82
O2G ACP D . -18.94 -4.59 -7.92
O3G ACP D . -18.48 -3.17 -5.79
PB ACP D . -22.24 -4.89 -6.77
O1B ACP D . -23.22 -4.08 -7.67
O2B ACP D . -23.01 -5.13 -5.51
C3B ACP D . -20.82 -4.25 -6.24
PA ACP D . -22.00 -7.79 -7.23
O1A ACP D . -21.42 -8.70 -8.31
O2A ACP D . -21.50 -7.73 -5.80
O3A ACP D . -22.02 -6.19 -7.76
O5' ACP D . -23.58 -8.10 -7.32
C5' ACP D . -24.22 -8.04 -8.60
C4' ACP D . -25.67 -7.58 -8.46
O4' ACP D . -26.33 -8.35 -7.44
C3' ACP D . -25.84 -6.11 -8.07
O3' ACP D . -25.86 -5.21 -9.19
C2' ACP D . -27.14 -6.10 -7.30
O2' ACP D . -28.19 -6.00 -8.26
C1' ACP D . -27.29 -7.51 -6.77
N9 ACP D . -27.08 -7.69 -5.30
C8 ACP D . -26.08 -7.19 -4.57
N7 ACP D . -26.21 -7.54 -3.27
C5 ACP D . -27.32 -8.31 -3.18
C6 ACP D . -28.02 -9.05 -2.12
N6 ACP D . -27.54 -9.03 -0.85
N1 ACP D . -29.14 -9.73 -2.43
C2 ACP D . -29.62 -9.76 -3.70
N3 ACP D . -29.01 -9.11 -4.72
C4 ACP D . -27.88 -8.39 -4.52
CA CA E . -17.95 -2.95 -3.15
NA NA F . -0.09 -8.70 -5.40
O12 PC1 G . 12.60 12.61 8.83
P PC1 G . 12.51 14.05 9.27
O14 PC1 G . 11.57 14.44 10.40
O13 PC1 G . 12.13 14.99 7.99
C11 PC1 G . 10.76 15.22 7.60
C12 PC1 G . 10.53 16.70 7.22
N PC1 G . 9.21 17.28 7.59
C13 PC1 G . 9.16 18.71 7.22
C14 PC1 G . 8.98 17.20 9.05
C15 PC1 G . 8.11 16.58 6.89
O11 PC1 G . 14.03 14.43 9.70
C1 PC1 G . 15.08 14.64 8.73
C2 PC1 G . 16.35 13.79 8.94
O21 PC1 G . 16.92 14.02 10.23
C21 PC1 G . 17.27 12.85 11.06
O22 PC1 G . 16.84 11.73 10.76
C3 PC1 G . 17.30 14.26 7.84
O31 PC1 G . 18.50 13.49 7.71
C31 PC1 G . 19.68 14.05 7.03
O32 PC1 G . 19.66 14.22 5.82
#